data_4GF1
#
_entry.id   4GF1
#
_cell.length_a   61.725
_cell.length_b   95.966
_cell.length_c   190.839
_cell.angle_alpha   90.000
_cell.angle_beta   90.000
_cell.angle_gamma   90.000
#
_symmetry.space_group_name_H-M   'P 21 21 21'
#
loop_
_entity.id
_entity.type
_entity.pdbx_description
1 polymer 'Putative ADP-ribosyltransferase Certhrax'
2 non-polymer 'UNKNOWN ATOM OR ION'
3 water water
#
_entity_poly.entity_id   1
_entity_poly.type   'polypeptide(L)'
_entity_poly.pdbx_seq_one_letter_code
;DENSKKTQELVEKLPHEVLELYKNVGGEIYITDKRLTQHEELSDSSHKDMFIVSSEGKSFPLREHFVFAKGGKEPSLIIH
AEDYASHLSSVEVYYELGKAIIRDTFPLNQKELGNPKFINAINEVNQQKEGKGVNAKADEDGRDLLFGKELKKNLEHGQL
VDLDLISGNLSEFQHVFAKSFALYYEPHYKEALKSYAPALFNYMLELDQMRFKEISDDVKEKNKNVLDFKWYTRKAESWG
VQTFKNWKENLTISEKDIITGYTGSKYDPINEYLRKYDGEIIPNIGGDLDKKSKKALEKIENQIKNLDAALQKSKITENL
IVYRRVSELQFGKKYEDYNLRQNGIINEEKVMELESNFKGQTFIQHNYMSTSLVQDPHQSYSNDRYPILLEITIPEGVHG
AYIADMSEYPGQYEMLINRGYTFKYDKFSIVKPTREEDKGKEYLKVNLSIYLGNHHHHHH
;
_entity_poly.pdbx_strand_id   A,B
#
# COMPACT_ATOMS: atom_id res chain seq x y z
N ASN A 3 20.26 5.27 3.30
CA ASN A 3 21.45 5.42 2.41
C ASN A 3 21.08 6.00 1.07
N SER A 4 21.92 6.92 0.63
CA SER A 4 21.85 7.45 -0.73
C SER A 4 22.21 6.38 -1.77
N LYS A 5 23.15 5.49 -1.42
CA LYS A 5 23.57 4.41 -2.33
C LYS A 5 22.44 3.42 -2.52
N LYS A 6 21.84 3.01 -1.40
CA LYS A 6 20.69 2.10 -1.42
C LYS A 6 19.59 2.68 -2.32
N THR A 7 19.38 3.98 -2.22
CA THR A 7 18.43 4.70 -3.06
C THR A 7 18.94 4.78 -4.51
N GLN A 8 20.22 5.06 -4.69
CA GLN A 8 20.77 5.10 -6.05
C GLN A 8 20.65 3.75 -6.74
N GLU A 9 21.16 2.73 -6.07
CA GLU A 9 21.04 1.33 -6.49
C GLU A 9 19.62 0.97 -6.97
N LEU A 10 18.60 1.41 -6.24
CA LEU A 10 17.22 1.13 -6.63
C LEU A 10 16.86 1.63 -8.08
N VAL A 11 17.23 2.86 -8.40
CA VAL A 11 16.94 3.46 -9.72
C VAL A 11 17.83 2.81 -10.77
N GLU A 12 19.08 2.56 -10.40
CA GLU A 12 20.06 1.96 -11.30
C GLU A 12 19.67 0.55 -11.73
N LYS A 13 18.71 -0.04 -11.04
CA LYS A 13 18.10 -1.30 -11.46
C LYS A 13 17.25 -1.17 -12.74
N LEU A 14 16.70 0.03 -12.96
CA LEU A 14 15.90 0.30 -14.16
C LEU A 14 16.80 0.30 -15.36
N PRO A 15 16.24 -0.06 -16.51
CA PRO A 15 17.15 -0.21 -17.64
C PRO A 15 17.80 1.11 -18.02
N HIS A 16 19.02 0.97 -18.49
CA HIS A 16 19.83 2.05 -18.97
C HIS A 16 19.02 2.88 -19.95
N GLU A 17 18.23 2.22 -20.79
CA GLU A 17 17.54 2.91 -21.88
C GLU A 17 16.48 3.89 -21.42
N VAL A 18 15.77 3.55 -20.35
CA VAL A 18 14.78 4.43 -19.76
C VAL A 18 15.45 5.69 -19.20
N LEU A 19 16.58 5.50 -18.52
CA LEU A 19 17.32 6.62 -17.95
C LEU A 19 18.06 7.46 -18.99
N GLU A 20 18.43 6.87 -20.13
CA GLU A 20 19.01 7.65 -21.22
C GLU A 20 17.94 8.55 -21.85
N LEU A 21 16.73 8.03 -22.01
CA LEU A 21 15.64 8.78 -22.59
C LEU A 21 15.33 10.02 -21.74
N TYR A 22 15.33 9.85 -20.42
CA TYR A 22 15.12 10.94 -19.50
C TYR A 22 16.27 11.94 -19.53
N LYS A 23 17.49 11.43 -19.58
CA LYS A 23 18.69 12.26 -19.57
C LYS A 23 18.73 13.11 -20.83
N ASN A 24 18.29 12.55 -21.97
CA ASN A 24 18.32 13.28 -23.24
C ASN A 24 17.48 14.57 -23.20
N VAL A 25 16.42 14.63 -22.39
CA VAL A 25 15.62 15.87 -22.29
C VAL A 25 16.02 16.79 -21.14
N GLY A 26 17.21 16.58 -20.59
CA GLY A 26 17.67 17.33 -19.43
C GLY A 26 17.05 16.83 -18.12
N GLY A 27 16.37 15.68 -18.15
CA GLY A 27 15.81 15.09 -16.95
C GLY A 27 16.89 14.84 -15.95
N GLU A 28 16.65 15.18 -14.69
CA GLU A 28 17.62 14.91 -13.63
C GLU A 28 17.00 14.22 -12.45
N ILE A 29 17.85 13.53 -11.69
CA ILE A 29 17.42 12.71 -10.56
C ILE A 29 18.16 13.17 -9.30
N TYR A 30 17.40 13.57 -8.27
CA TYR A 30 17.97 14.08 -7.04
C TYR A 30 17.62 13.21 -5.87
N ILE A 31 18.61 12.93 -5.04
CA ILE A 31 18.43 12.20 -3.81
C ILE A 31 18.65 13.18 -2.68
N THR A 32 17.80 13.13 -1.67
CA THR A 32 17.78 14.16 -0.61
C THR A 32 17.40 13.60 0.75
N ASP A 33 18.08 14.03 1.81
CA ASP A 33 17.70 13.66 3.19
C ASP A 33 16.60 14.57 3.76
N LYS A 34 16.32 15.70 3.09
CA LYS A 34 15.32 16.66 3.53
C LYS A 34 13.96 16.30 2.99
N ARG A 35 12.91 16.90 3.55
CA ARG A 35 11.55 16.81 2.97
C ARG A 35 11.57 17.36 1.56
N LEU A 36 10.69 16.83 0.71
CA LEU A 36 10.66 17.20 -0.69
C LEU A 36 10.42 18.69 -0.91
N THR A 37 9.54 19.29 -0.12
CA THR A 37 9.18 20.69 -0.32
C THR A 37 10.29 21.65 0.09
N GLN A 38 11.28 21.14 0.83
CA GLN A 38 12.45 21.93 1.19
C GLN A 38 13.55 21.82 0.12
N HIS A 39 13.32 21.04 -0.95
CA HIS A 39 14.32 20.92 -2.02
C HIS A 39 14.27 22.13 -2.91
N GLU A 40 15.44 22.56 -3.38
CA GLU A 40 15.53 23.74 -4.24
C GLU A 40 14.68 23.63 -5.52
N GLU A 41 14.54 22.42 -6.06
CA GLU A 41 13.70 22.17 -7.24
C GLU A 41 12.23 22.46 -7.01
N LEU A 42 11.82 22.48 -5.75
CA LEU A 42 10.41 22.64 -5.38
C LEU A 42 10.21 23.85 -4.46
N ASP A 49 1.76 22.92 0.23
CA ASP A 49 0.62 23.31 -0.59
C ASP A 49 0.08 22.16 -1.49
N MET A 50 0.94 21.57 -2.31
CA MET A 50 0.47 20.53 -3.26
C MET A 50 0.20 19.16 -2.59
N PHE A 51 -0.66 18.38 -3.23
CA PHE A 51 -0.95 17.00 -2.85
C PHE A 51 -0.60 16.07 -3.98
N ILE A 52 -0.23 14.84 -3.61
CA ILE A 52 0.13 13.81 -4.60
C ILE A 52 -0.78 12.63 -4.44
N VAL A 53 -0.75 11.72 -5.41
CA VAL A 53 -1.52 10.48 -5.33
C VAL A 53 -0.58 9.34 -5.59
N SER A 54 -0.58 8.38 -4.67
CA SER A 54 0.31 7.24 -4.77
C SER A 54 -0.23 6.24 -5.80
N SER A 55 0.54 5.16 -6.05
CA SER A 55 0.18 4.20 -7.10
C SER A 55 -1.16 3.51 -6.80
N GLU A 56 -1.54 3.42 -5.51
CA GLU A 56 -2.81 2.80 -5.12
C GLU A 56 -3.90 3.83 -4.87
N GLY A 57 -3.68 5.08 -5.25
CA GLY A 57 -4.71 6.14 -5.17
C GLY A 57 -4.85 6.83 -3.83
N LYS A 58 -3.83 6.79 -2.99
CA LYS A 58 -3.89 7.48 -1.73
C LYS A 58 -3.32 8.89 -1.89
N SER A 59 -4.05 9.89 -1.35
CA SER A 59 -3.64 11.31 -1.36
C SER A 59 -2.81 11.65 -0.16
N PHE A 60 -1.71 12.34 -0.37
CA PHE A 60 -0.87 12.83 0.72
C PHE A 60 -0.40 14.21 0.36
N PRO A 61 -0.22 15.08 1.37
CA PRO A 61 0.47 16.33 1.07
C PRO A 61 1.88 16.04 0.56
N LEU A 62 2.37 16.85 -0.38
CA LEU A 62 3.68 16.61 -1.00
C LEU A 62 4.80 16.58 0.04
N ARG A 63 4.71 17.45 1.04
CA ARG A 63 5.74 17.56 2.07
C ARG A 63 5.83 16.30 2.95
N GLU A 64 4.82 15.43 2.87
CA GLU A 64 4.74 14.18 3.66
C GLU A 64 5.23 12.95 2.89
N HIS A 65 5.42 13.09 1.58
CA HIS A 65 5.76 11.96 0.71
C HIS A 65 7.23 11.88 0.44
N PHE A 66 7.68 10.76 -0.11
CA PHE A 66 9.11 10.48 -0.22
C PHE A 66 9.63 10.42 -1.67
N VAL A 67 8.72 10.58 -2.64
CA VAL A 67 9.12 10.66 -4.03
C VAL A 67 8.19 11.51 -4.91
N PHE A 68 8.78 12.31 -5.81
CA PHE A 68 7.99 13.19 -6.69
C PHE A 68 8.69 13.45 -8.04
N ALA A 69 7.98 13.19 -9.12
CA ALA A 69 8.42 13.61 -10.47
C ALA A 69 7.85 14.98 -10.79
N LYS A 70 8.72 15.98 -10.82
CA LYS A 70 8.41 17.32 -11.26
C LYS A 70 8.45 17.40 -12.79
N GLY A 71 7.33 17.80 -13.40
CA GLY A 71 7.22 17.83 -14.83
C GLY A 71 7.67 19.16 -15.35
N GLY A 72 7.38 19.40 -16.62
CA GLY A 72 7.63 20.71 -17.21
C GLY A 72 8.91 20.78 -18.00
N LYS A 73 9.37 22.01 -18.20
CA LYS A 73 10.48 22.33 -19.10
C LYS A 73 11.82 21.83 -18.61
N GLU A 74 11.94 21.64 -17.30
CA GLU A 74 13.12 21.05 -16.68
C GLU A 74 12.73 19.92 -15.71
N PRO A 75 12.42 18.74 -16.26
CA PRO A 75 11.94 17.62 -15.44
C PRO A 75 12.97 17.22 -14.38
N SER A 76 12.49 16.92 -13.17
CA SER A 76 13.32 16.39 -12.08
C SER A 76 12.58 15.27 -11.36
N LEU A 77 13.29 14.24 -10.94
CA LEU A 77 12.72 13.17 -10.10
C LEU A 77 13.36 13.31 -8.73
N ILE A 78 12.60 13.75 -7.74
CA ILE A 78 13.17 14.01 -6.40
C ILE A 78 12.86 12.81 -5.48
N ILE A 79 13.91 12.23 -4.91
CA ILE A 79 13.75 11.01 -4.12
C ILE A 79 14.33 11.20 -2.74
N HIS A 80 13.47 10.99 -1.74
CA HIS A 80 13.92 11.03 -0.37
C HIS A 80 14.61 9.74 -0.08
N ALA A 81 15.80 9.83 0.50
CA ALA A 81 16.60 8.66 0.79
C ALA A 81 15.95 7.93 1.93
N GLU A 82 15.56 6.71 1.63
CA GLU A 82 14.98 5.79 2.56
C GLU A 82 15.83 4.54 2.37
N ASP A 83 15.62 3.56 3.22
CA ASP A 83 16.28 2.27 3.07
C ASP A 83 15.88 1.55 1.72
N TYR A 84 14.59 1.60 1.36
CA TYR A 84 14.03 0.94 0.14
C TYR A 84 14.14 -0.62 0.05
N ALA A 85 14.41 -1.27 1.17
CA ALA A 85 14.20 -2.73 1.26
C ALA A 85 12.72 -3.07 1.11
N SER A 86 11.87 -2.18 1.62
CA SER A 86 10.44 -2.37 1.52
C SER A 86 10.00 -2.19 0.09
N HIS A 87 9.29 -3.19 -0.42
CA HIS A 87 8.78 -3.15 -1.78
C HIS A 87 7.64 -2.17 -1.92
N LEU A 88 6.90 -1.93 -0.82
CA LEU A 88 5.77 -0.95 -0.84
C LEU A 88 6.29 0.44 -1.11
N SER A 89 7.46 0.76 -0.58
CA SER A 89 8.13 2.01 -0.89
C SER A 89 8.82 2.05 -2.25
N SER A 90 9.53 0.99 -2.61
CA SER A 90 10.26 0.95 -3.90
C SER A 90 9.33 1.14 -5.07
N VAL A 91 8.15 0.54 -5.01
CA VAL A 91 7.24 0.56 -6.18
C VAL A 91 6.73 1.99 -6.49
N GLU A 92 6.64 2.84 -5.46
CA GLU A 92 6.21 4.22 -5.65
C GLU A 92 7.23 5.01 -6.39
N VAL A 93 8.52 4.69 -6.16
CA VAL A 93 9.59 5.35 -6.89
C VAL A 93 9.58 4.94 -8.35
N TYR A 94 9.37 3.67 -8.64
CA TYR A 94 9.27 3.27 -10.05
C TYR A 94 7.99 3.84 -10.72
N TYR A 95 6.96 4.06 -9.92
CA TYR A 95 5.72 4.63 -10.42
C TYR A 95 5.95 6.09 -10.85
N GLU A 96 6.59 6.87 -10.01
CA GLU A 96 6.87 8.24 -10.38
C GLU A 96 7.82 8.33 -11.51
N LEU A 97 8.76 7.40 -11.61
CA LEU A 97 9.66 7.37 -12.76
C LEU A 97 8.88 7.03 -14.03
N GLY A 98 7.94 6.09 -13.92
CA GLY A 98 7.03 5.78 -15.01
C GLY A 98 6.24 7.00 -15.51
N LYS A 99 5.70 7.80 -14.56
CA LYS A 99 5.05 9.05 -14.92
C LYS A 99 6.00 10.00 -15.61
N ALA A 100 7.22 10.15 -15.09
CA ALA A 100 8.21 11.04 -15.71
C ALA A 100 8.55 10.67 -17.16
N ILE A 101 8.57 9.37 -17.46
CA ILE A 101 8.69 8.91 -18.84
C ILE A 101 7.44 9.26 -19.63
N ILE A 102 6.27 8.78 -19.21
CA ILE A 102 5.10 8.86 -20.13
C ILE A 102 4.54 10.27 -20.23
N ARG A 103 4.83 11.10 -19.22
CA ARG A 103 4.34 12.48 -19.13
C ARG A 103 5.36 13.52 -19.54
N ASP A 104 6.63 13.35 -19.14
CA ASP A 104 7.62 14.41 -19.25
C ASP A 104 8.70 14.18 -20.33
N THR A 105 8.79 12.96 -20.89
CA THR A 105 9.90 12.59 -21.79
C THR A 105 9.50 12.38 -23.25
N PHE A 106 9.95 13.27 -24.11
CA PHE A 106 9.81 13.08 -25.55
C PHE A 106 10.70 11.88 -26.00
N PRO A 107 10.19 11.03 -26.93
CA PRO A 107 8.94 11.14 -27.69
C PRO A 107 7.78 10.38 -27.11
N LEU A 108 8.00 9.66 -26.01
CA LEU A 108 6.93 8.91 -25.39
C LEU A 108 5.74 9.75 -24.95
N ASN A 109 6.00 10.95 -24.46
CA ASN A 109 4.92 11.76 -23.96
C ASN A 109 4.04 12.36 -25.02
N GLN A 110 4.45 12.30 -26.29
CA GLN A 110 3.60 12.76 -27.39
C GLN A 110 2.97 11.62 -28.19
N LYS A 111 3.60 10.46 -28.18
CA LYS A 111 3.29 9.43 -29.16
C LYS A 111 2.78 8.11 -28.60
N GLU A 112 3.21 7.74 -27.40
CA GLU A 112 2.98 6.37 -26.90
C GLU A 112 1.54 6.01 -26.53
N LEU A 113 0.81 6.86 -25.81
CA LEU A 113 -0.55 6.53 -25.42
C LEU A 113 -1.52 6.47 -26.60
N GLY A 114 -1.18 7.14 -27.69
CA GLY A 114 -1.93 7.03 -28.95
C GLY A 114 -1.52 5.84 -29.83
N ASN A 115 -0.45 5.16 -29.45
CA ASN A 115 0.06 4.00 -30.17
C ASN A 115 -0.98 2.86 -30.16
N PRO A 116 -1.06 2.10 -31.27
CA PRO A 116 -1.93 0.91 -31.27
C PRO A 116 -1.58 -0.10 -30.17
N LYS A 117 -0.31 -0.22 -29.83
CA LYS A 117 0.13 -1.19 -28.84
C LYS A 117 -0.45 -0.89 -27.47
N PHE A 118 -0.45 0.39 -27.09
CA PHE A 118 -1.00 0.77 -25.80
C PHE A 118 -2.52 0.57 -25.78
N ILE A 119 -3.19 1.07 -26.81
CA ILE A 119 -4.63 0.98 -26.92
C ILE A 119 -5.12 -0.48 -27.05
N ASN A 120 -4.36 -1.33 -27.74
CA ASN A 120 -4.71 -2.75 -27.86
C ASN A 120 -4.64 -3.41 -26.52
N ALA A 121 -3.56 -3.16 -25.79
CA ALA A 121 -3.37 -3.78 -24.49
C ALA A 121 -4.46 -3.35 -23.52
N ILE A 122 -4.70 -2.04 -23.42
CA ILE A 122 -5.60 -1.53 -22.43
C ILE A 122 -7.02 -2.04 -22.69
N ASN A 123 -7.42 -2.12 -23.95
CA ASN A 123 -8.71 -2.73 -24.30
C ASN A 123 -8.77 -4.19 -23.90
N GLU A 124 -7.71 -4.95 -24.18
CA GLU A 124 -7.69 -6.36 -23.80
C GLU A 124 -7.86 -6.54 -22.29
N VAL A 125 -7.38 -5.58 -21.51
CA VAL A 125 -7.54 -5.63 -20.06
C VAL A 125 -8.97 -5.24 -19.65
N ASN A 126 -9.58 -4.34 -20.40
CA ASN A 126 -10.93 -3.91 -20.13
C ASN A 126 -11.98 -4.95 -20.57
N GLN A 127 -11.50 -6.07 -21.14
CA GLN A 127 -12.35 -7.08 -21.74
C GLN A 127 -12.11 -8.51 -21.21
N GLN A 128 -11.28 -8.66 -20.19
CA GLN A 128 -10.98 -9.99 -19.58
C GLN A 128 -12.23 -10.70 -19.02
N LYS A 129 -12.25 -12.03 -19.13
CA LYS A 129 -13.38 -12.82 -18.62
C LYS A 129 -12.91 -14.01 -17.72
N GLU A 130 -13.71 -14.22 -16.65
CA GLU A 130 -13.49 -15.35 -15.72
C GLU A 130 -14.17 -16.66 -16.21
N ASN A 135 -19.96 -16.97 -22.65
CA ASN A 135 -20.66 -15.90 -21.91
C ASN A 135 -19.88 -15.48 -20.59
N ALA A 136 -18.63 -15.96 -20.52
CA ALA A 136 -17.86 -15.91 -19.27
C ALA A 136 -18.05 -14.61 -18.43
N LYS A 137 -18.15 -14.82 -17.10
CA LYS A 137 -18.48 -13.73 -16.20
C LYS A 137 -17.40 -12.73 -16.46
N ALA A 138 -17.73 -11.45 -16.28
CA ALA A 138 -16.76 -10.42 -16.56
C ALA A 138 -15.72 -10.42 -15.43
N ASP A 139 -14.44 -10.22 -15.81
CA ASP A 139 -13.28 -10.21 -14.89
C ASP A 139 -12.75 -8.77 -14.74
N GLU A 140 -12.71 -8.31 -13.51
CA GLU A 140 -12.37 -6.94 -13.18
C GLU A 140 -10.95 -6.81 -12.58
N ASP A 141 -10.21 -7.91 -12.49
CA ASP A 141 -8.92 -7.92 -11.79
C ASP A 141 -7.91 -6.96 -12.39
N GLY A 142 -7.83 -6.94 -13.71
CA GLY A 142 -6.97 -6.03 -14.43
C GLY A 142 -7.35 -4.60 -14.14
N ARG A 143 -8.64 -4.29 -14.29
CA ARG A 143 -9.17 -2.98 -13.92
C ARG A 143 -8.83 -2.61 -12.48
N ASP A 144 -9.13 -3.51 -11.54
CA ASP A 144 -8.82 -3.24 -10.12
C ASP A 144 -7.34 -3.01 -9.87
N LEU A 145 -6.49 -3.72 -10.60
CA LEU A 145 -5.06 -3.63 -10.39
C LEU A 145 -4.47 -2.33 -10.90
N LEU A 146 -4.96 -1.82 -12.03
CA LEU A 146 -4.25 -0.78 -12.75
C LEU A 146 -4.98 0.54 -12.99
N PHE A 147 -6.31 0.52 -13.00
CA PHE A 147 -7.07 1.70 -13.35
C PHE A 147 -7.36 2.49 -12.08
N GLY A 148 -7.24 3.81 -12.16
CA GLY A 148 -7.62 4.67 -11.04
C GLY A 148 -9.11 4.72 -10.85
N LYS A 149 -9.52 5.34 -9.75
CA LYS A 149 -10.94 5.51 -9.39
C LYS A 149 -11.77 6.23 -10.46
N GLU A 150 -11.31 7.41 -10.89
CA GLU A 150 -12.08 8.20 -11.86
C GLU A 150 -12.16 7.52 -13.24
N LEU A 151 -11.15 6.75 -13.63
CA LEU A 151 -11.21 6.00 -14.91
C LEU A 151 -12.26 4.90 -14.86
N LYS A 152 -12.29 4.12 -13.80
CA LYS A 152 -13.26 3.05 -13.68
C LYS A 152 -14.70 3.58 -13.68
N LYS A 153 -14.93 4.75 -13.08
CA LYS A 153 -16.24 5.41 -13.13
C LYS A 153 -16.60 5.99 -14.52
N ASN A 154 -15.58 6.29 -15.34
CA ASN A 154 -15.80 6.79 -16.72
C ASN A 154 -15.64 5.74 -17.82
N LEU A 155 -14.97 4.62 -17.51
CA LEU A 155 -14.81 3.50 -18.44
C LEU A 155 -15.32 2.20 -17.80
N GLU A 156 -16.41 1.66 -18.34
CA GLU A 156 -16.98 0.39 -17.87
C GLU A 156 -16.34 -0.81 -18.58
N HIS A 157 -16.57 -2.00 -18.02
CA HIS A 157 -15.93 -3.22 -18.54
C HIS A 157 -16.50 -3.55 -19.88
N GLY A 158 -15.63 -3.81 -20.86
CA GLY A 158 -16.07 -4.15 -22.23
C GLY A 158 -16.27 -2.93 -23.11
N GLN A 159 -16.13 -1.74 -22.54
CA GLN A 159 -16.23 -0.48 -23.27
C GLN A 159 -14.91 -0.24 -23.98
N LEU A 160 -15.00 0.19 -25.24
CA LEU A 160 -13.84 0.32 -26.10
C LEU A 160 -13.16 1.65 -25.84
N VAL A 161 -11.84 1.61 -25.57
CA VAL A 161 -11.01 2.82 -25.52
C VAL A 161 -10.52 3.20 -26.94
N ASP A 162 -10.53 4.49 -27.25
CA ASP A 162 -10.03 5.01 -28.55
C ASP A 162 -9.13 6.23 -28.32
N LEU A 163 -8.53 6.72 -29.39
CA LEU A 163 -7.69 7.93 -29.33
C LEU A 163 -8.38 9.07 -28.57
N ASP A 164 -9.69 9.22 -28.80
CA ASP A 164 -10.50 10.29 -28.19
C ASP A 164 -10.64 10.19 -26.67
N LEU A 165 -11.01 9.01 -26.18
CA LEU A 165 -11.15 8.78 -24.74
C LEU A 165 -9.83 9.04 -24.02
N ILE A 166 -8.72 8.67 -24.68
CA ILE A 166 -7.39 8.85 -24.13
C ILE A 166 -7.03 10.33 -24.02
N SER A 167 -7.37 11.09 -25.06
CA SER A 167 -7.00 12.51 -25.11
C SER A 167 -7.79 13.35 -24.10
N GLY A 168 -9.05 13.01 -23.87
CA GLY A 168 -9.87 13.70 -22.88
C GLY A 168 -9.52 13.36 -21.43
N ASN A 169 -8.92 12.20 -21.21
CA ASN A 169 -8.61 11.70 -19.86
C ASN A 169 -7.17 11.28 -19.76
N LEU A 170 -6.28 12.20 -20.06
CA LEU A 170 -4.87 11.88 -20.27
C LEU A 170 -4.14 11.38 -19.03
N SER A 171 -4.29 12.09 -17.91
CA SER A 171 -3.61 11.73 -16.69
C SER A 171 -4.04 10.35 -16.17
N GLU A 172 -5.26 9.95 -16.46
CA GLU A 172 -5.76 8.63 -16.10
C GLU A 172 -5.04 7.52 -16.86
N PHE A 173 -4.70 7.74 -18.12
CA PHE A 173 -3.94 6.72 -18.88
C PHE A 173 -2.44 6.81 -18.64
N GLN A 174 -1.93 8.01 -18.36
CA GLN A 174 -0.55 8.13 -17.91
C GLN A 174 -0.34 7.26 -16.66
N HIS A 175 -1.30 7.29 -15.72
CA HIS A 175 -1.26 6.47 -14.52
C HIS A 175 -1.23 5.00 -14.85
N VAL A 176 -2.07 4.57 -15.78
CA VAL A 176 -2.10 3.16 -16.17
C VAL A 176 -0.78 2.73 -16.75
N PHE A 177 -0.19 3.55 -17.60
CA PHE A 177 1.16 3.28 -18.09
C PHE A 177 2.18 3.23 -16.98
N ALA A 178 2.13 4.22 -16.11
CA ALA A 178 3.12 4.35 -15.03
C ALA A 178 3.04 3.19 -14.03
N LYS A 179 1.84 2.75 -13.76
CA LYS A 179 1.66 1.69 -12.81
C LYS A 179 2.07 0.31 -13.38
N SER A 180 1.74 0.09 -14.65
CA SER A 180 2.24 -1.07 -15.39
C SER A 180 3.76 -1.13 -15.38
N PHE A 181 4.38 -0.01 -15.68
CA PHE A 181 5.81 0.16 -15.61
C PHE A 181 6.33 -0.23 -14.20
N ALA A 182 5.69 0.28 -13.18
CA ALA A 182 6.17 0.09 -11.81
C ALA A 182 6.05 -1.36 -11.38
N LEU A 183 4.91 -1.97 -11.67
CA LEU A 183 4.67 -3.35 -11.30
C LEU A 183 5.60 -4.28 -12.09
N TYR A 184 5.92 -3.92 -13.32
CA TYR A 184 6.79 -4.72 -14.14
C TYR A 184 8.21 -4.76 -13.59
N TYR A 185 8.75 -3.60 -13.25
CA TYR A 185 10.16 -3.50 -12.79
C TYR A 185 10.41 -3.84 -11.35
N GLU A 186 9.40 -3.73 -10.51
CA GLU A 186 9.51 -4.09 -9.15
C GLU A 186 9.30 -5.60 -9.08
N PRO A 187 10.32 -6.37 -8.66
CA PRO A 187 10.27 -7.83 -8.83
C PRO A 187 9.14 -8.56 -8.11
N HIS A 188 8.64 -8.02 -7.01
CA HIS A 188 7.57 -8.68 -6.28
C HIS A 188 6.18 -8.27 -6.69
N TYR A 189 6.09 -7.39 -7.67
CA TYR A 189 4.81 -7.00 -8.28
C TYR A 189 4.61 -7.55 -9.68
N LYS A 190 5.70 -7.88 -10.36
CA LYS A 190 5.71 -8.37 -11.74
C LYS A 190 4.77 -9.55 -11.97
N GLU A 191 4.81 -10.54 -11.07
CA GLU A 191 3.96 -11.72 -11.22
C GLU A 191 2.47 -11.39 -11.11
N ALA A 192 2.11 -10.42 -10.27
CA ALA A 192 0.71 -9.99 -10.18
C ALA A 192 0.23 -9.27 -11.47
N LEU A 193 1.08 -8.45 -12.04
CA LEU A 193 0.83 -7.87 -13.38
C LEU A 193 0.62 -8.95 -14.46
N LYS A 194 1.51 -9.94 -14.45
CA LYS A 194 1.42 -11.03 -15.39
C LYS A 194 0.10 -11.78 -15.23
N SER A 195 -0.31 -12.03 -13.99
CA SER A 195 -1.49 -12.86 -13.72
C SER A 195 -2.78 -12.10 -13.95
N TYR A 196 -2.84 -10.88 -13.47
CA TYR A 196 -4.10 -10.14 -13.43
C TYR A 196 -4.32 -9.17 -14.58
N ALA A 197 -3.27 -8.87 -15.35
CA ALA A 197 -3.41 -8.00 -16.51
C ALA A 197 -2.43 -8.41 -17.62
N PRO A 198 -2.52 -9.66 -18.10
CA PRO A 198 -1.51 -10.19 -19.02
C PRO A 198 -1.19 -9.29 -20.25
N ALA A 199 -2.20 -8.71 -20.85
CA ALA A 199 -1.98 -7.90 -22.06
C ALA A 199 -1.08 -6.72 -21.79
N LEU A 200 -1.23 -6.10 -20.62
CA LEU A 200 -0.38 -4.98 -20.26
C LEU A 200 0.99 -5.40 -19.74
N PHE A 201 1.11 -6.59 -19.15
CA PHE A 201 2.41 -7.17 -18.87
C PHE A 201 3.20 -7.37 -20.16
N ASN A 202 2.54 -7.96 -21.16
CA ASN A 202 3.17 -8.21 -22.46
C ASN A 202 3.58 -6.92 -23.12
N TYR A 203 2.72 -5.91 -23.02
CA TYR A 203 3.03 -4.57 -23.56
C TYR A 203 4.31 -4.03 -22.91
N MET A 204 4.42 -4.12 -21.60
CA MET A 204 5.62 -3.63 -20.92
C MET A 204 6.84 -4.51 -21.19
N LEU A 205 6.61 -5.81 -21.32
CA LEU A 205 7.67 -6.79 -21.68
C LEU A 205 8.37 -6.42 -23.00
N GLU A 206 7.57 -6.12 -24.01
CA GLU A 206 8.13 -5.72 -25.31
C GLU A 206 8.93 -4.39 -25.23
N LEU A 207 8.46 -3.44 -24.41
CA LEU A 207 9.20 -2.20 -24.19
C LEU A 207 10.52 -2.49 -23.46
N ASP A 208 10.47 -3.32 -22.45
CA ASP A 208 11.67 -3.61 -21.67
C ASP A 208 12.72 -4.38 -22.49
N GLN A 209 12.25 -5.31 -23.32
CA GLN A 209 13.14 -6.22 -24.04
C GLN A 209 13.75 -5.58 -25.26
N MET A 210 12.98 -4.79 -26.00
CA MET A 210 13.51 -4.10 -27.18
C MET A 210 13.04 -2.67 -27.47
N ARG A 211 11.76 -2.35 -27.23
CA ARG A 211 11.22 -1.11 -27.79
C ARG A 211 11.70 0.19 -27.10
N PHE A 212 12.00 0.16 -25.79
CA PHE A 212 12.68 1.29 -25.15
C PHE A 212 14.02 1.60 -25.84
N LYS A 213 14.78 0.56 -26.16
CA LYS A 213 16.06 0.72 -26.85
C LYS A 213 15.87 1.23 -28.29
N GLU A 214 14.86 0.70 -28.95
CA GLU A 214 14.48 1.09 -30.31
C GLU A 214 14.10 2.59 -30.33
N ILE A 215 13.32 3.04 -29.36
CA ILE A 215 12.95 4.46 -29.25
C ILE A 215 14.21 5.29 -28.96
N SER A 216 15.00 4.85 -27.98
CA SER A 216 16.22 5.57 -27.60
C SER A 216 17.21 5.67 -28.74
N ASP A 217 17.38 4.61 -29.52
CA ASP A 217 18.35 4.60 -30.59
C ASP A 217 17.92 5.53 -31.71
N ASP A 218 16.62 5.59 -31.96
CA ASP A 218 16.09 6.50 -32.98
C ASP A 218 16.31 8.00 -32.57
N VAL A 219 16.17 8.28 -31.28
CA VAL A 219 16.46 9.62 -30.74
C VAL A 219 17.93 10.00 -30.91
N LYS A 220 18.83 9.08 -30.59
CA LYS A 220 20.29 9.31 -30.79
C LYS A 220 20.64 9.53 -32.26
N GLU A 221 19.94 8.79 -33.13
CA GLU A 221 20.15 8.90 -34.56
C GLU A 221 19.71 10.29 -35.09
N LYS A 222 18.53 10.76 -34.65
CA LYS A 222 18.04 12.10 -35.01
C LYS A 222 18.98 13.19 -34.46
N ASN A 223 19.47 13.01 -33.24
CA ASN A 223 20.46 13.94 -32.66
C ASN A 223 21.76 14.05 -33.43
N LYS A 224 22.07 13.07 -34.28
CA LYS A 224 23.24 13.13 -35.16
C LYS A 224 23.02 14.08 -36.36
N ASN A 225 21.76 14.20 -36.80
CA ASN A 225 21.41 15.06 -37.95
C ASN A 225 21.07 16.55 -37.67
N VAL A 226 20.53 16.81 -36.49
CA VAL A 226 19.92 18.09 -36.19
C VAL A 226 19.79 18.28 -34.68
N LEU A 227 20.04 19.50 -34.22
CA LEU A 227 19.94 19.86 -32.81
C LEU A 227 18.55 20.46 -32.55
N ASP A 228 17.78 19.82 -31.69
CA ASP A 228 16.43 20.22 -31.40
C ASP A 228 16.21 20.09 -29.91
N PHE A 229 15.93 21.20 -29.24
CA PHE A 229 15.72 21.20 -27.79
C PHE A 229 14.26 21.02 -27.40
N LYS A 230 13.37 21.07 -28.40
CA LYS A 230 11.94 21.05 -28.16
C LYS A 230 11.55 22.11 -27.12
N TRP A 231 10.77 21.75 -26.10
CA TRP A 231 10.35 22.71 -25.03
C TRP A 231 11.23 22.63 -23.80
N TYR A 232 12.31 21.84 -23.89
CA TYR A 232 13.20 21.60 -22.76
C TYR A 232 14.28 22.71 -22.67
N THR A 233 14.22 23.49 -21.60
CA THR A 233 15.09 24.68 -21.47
C THR A 233 16.47 24.40 -20.86
N ARG A 234 16.62 23.30 -20.13
CA ARG A 234 17.81 23.07 -19.32
C ARG A 234 19.06 23.01 -20.25
N LYS A 235 18.97 22.19 -21.30
CA LYS A 235 20.09 21.98 -22.22
C LYS A 235 20.19 23.07 -23.28
N ALA A 236 19.05 23.67 -23.65
CA ALA A 236 19.01 24.78 -24.62
C ALA A 236 19.83 25.97 -24.16
N GLU A 237 19.56 26.41 -22.94
CA GLU A 237 20.18 27.61 -22.41
C GLU A 237 21.69 27.46 -22.34
N SER A 238 22.13 26.35 -21.76
CA SER A 238 23.56 26.09 -21.64
C SER A 238 24.24 26.15 -23.00
N TRP A 239 23.60 25.58 -24.03
CA TRP A 239 24.16 25.59 -25.39
C TRP A 239 24.13 26.97 -26.04
N GLY A 240 23.09 27.76 -25.79
CA GLY A 240 23.00 29.10 -26.36
C GLY A 240 24.12 29.97 -25.85
N VAL A 241 24.28 29.96 -24.54
CA VAL A 241 25.23 30.86 -23.89
C VAL A 241 26.68 30.47 -24.26
N GLN A 242 27.01 29.19 -24.18
CA GLN A 242 28.37 28.75 -24.42
C GLN A 242 28.73 28.87 -25.90
N THR A 243 27.84 28.47 -26.82
CA THR A 243 28.24 28.48 -28.23
C THR A 243 28.33 29.91 -28.82
N PHE A 244 27.58 30.88 -28.28
CA PHE A 244 27.68 32.26 -28.74
C PHE A 244 28.46 33.22 -27.76
N LYS A 245 29.13 32.67 -26.76
CA LYS A 245 29.89 33.50 -25.79
C LYS A 245 30.94 34.35 -26.51
N ASN A 246 31.73 33.71 -27.38
CA ASN A 246 32.80 34.39 -28.11
C ASN A 246 32.28 35.49 -29.02
N TRP A 247 31.23 35.19 -29.77
CA TRP A 247 30.59 36.19 -30.59
C TRP A 247 30.16 37.37 -29.75
N LYS A 248 29.48 37.10 -28.63
CA LYS A 248 28.96 38.14 -27.77
C LYS A 248 30.09 38.98 -27.16
N GLU A 249 31.20 38.34 -26.86
CA GLU A 249 32.34 39.08 -26.30
C GLU A 249 32.99 40.00 -27.34
N ASN A 250 32.67 39.79 -28.62
CA ASN A 250 33.25 40.59 -29.72
C ASN A 250 32.29 41.60 -30.32
N LEU A 251 31.09 41.70 -29.75
CA LEU A 251 30.16 42.78 -30.10
C LEU A 251 30.74 44.12 -29.65
N THR A 252 30.49 45.19 -30.40
CA THR A 252 30.74 46.57 -29.88
C THR A 252 29.56 47.03 -29.00
N ILE A 253 29.73 48.14 -28.29
CA ILE A 253 28.64 48.72 -27.48
C ILE A 253 27.40 49.02 -28.34
N SER A 254 27.60 49.54 -29.54
CA SER A 254 26.49 49.88 -30.43
C SER A 254 25.76 48.66 -30.91
N GLU A 255 26.52 47.63 -31.26
CA GLU A 255 25.92 46.37 -31.68
C GLU A 255 25.10 45.76 -30.54
N LYS A 256 25.66 45.73 -29.34
CA LYS A 256 24.95 45.18 -28.20
C LYS A 256 23.70 46.01 -27.85
N ASP A 257 23.81 47.33 -27.92
CA ASP A 257 22.69 48.22 -27.61
C ASP A 257 21.51 48.02 -28.57
N ILE A 258 21.78 47.89 -29.87
CA ILE A 258 20.70 47.74 -30.83
C ILE A 258 20.11 46.31 -30.82
N ILE A 259 20.91 45.31 -30.50
CA ILE A 259 20.36 43.97 -30.25
C ILE A 259 19.36 44.03 -29.09
N THR A 260 19.76 44.62 -27.98
CA THR A 260 18.83 44.82 -26.88
C THR A 260 17.60 45.65 -27.34
N GLY A 261 17.83 46.76 -28.02
CA GLY A 261 16.75 47.61 -28.49
C GLY A 261 15.76 46.92 -29.42
N TYR A 262 16.24 45.99 -30.23
CA TYR A 262 15.39 45.27 -31.16
C TYR A 262 14.36 44.38 -30.42
N THR A 263 14.70 43.97 -29.22
CA THR A 263 13.76 43.20 -28.40
C THR A 263 12.77 44.12 -27.66
N GLY A 264 12.90 45.42 -27.86
CA GLY A 264 12.06 46.45 -27.24
C GLY A 264 11.53 47.41 -28.28
N SER A 265 11.57 48.70 -27.99
CA SER A 265 10.84 49.71 -28.78
C SER A 265 11.39 49.97 -30.18
N LYS A 266 12.59 49.45 -30.48
CA LYS A 266 13.22 49.71 -31.78
C LYS A 266 12.78 48.70 -32.87
N TYR A 267 12.02 47.69 -32.48
CA TYR A 267 11.55 46.65 -33.39
C TYR A 267 10.62 47.14 -34.51
N ASP A 268 9.46 47.71 -34.16
CA ASP A 268 8.44 48.06 -35.17
C ASP A 268 8.99 48.93 -36.32
N PRO A 269 9.70 50.03 -36.00
CA PRO A 269 10.23 50.89 -37.09
C PRO A 269 11.26 50.21 -37.99
N ILE A 270 12.10 49.34 -37.43
CA ILE A 270 13.06 48.61 -38.23
C ILE A 270 12.33 47.64 -39.15
N ASN A 271 11.34 46.94 -38.61
CA ASN A 271 10.59 45.91 -39.37
C ASN A 271 9.72 46.53 -40.44
N GLU A 272 9.06 47.63 -40.12
CA GLU A 272 8.30 48.40 -41.10
C GLU A 272 9.21 48.92 -42.21
N TYR A 273 10.37 49.47 -41.85
CA TYR A 273 11.35 49.94 -42.84
C TYR A 273 11.77 48.83 -43.81
N LEU A 274 12.09 47.65 -43.27
CA LEU A 274 12.58 46.55 -44.09
C LEU A 274 11.46 45.91 -44.94
N ARG A 275 10.26 45.74 -44.37
CA ARG A 275 9.13 45.23 -45.12
C ARG A 275 8.69 46.20 -46.25
N LYS A 276 8.76 47.51 -45.97
CA LYS A 276 8.26 48.54 -46.91
C LYS A 276 9.12 48.64 -48.18
N TYR A 277 10.43 48.64 -48.01
CA TYR A 277 11.36 48.80 -49.14
C TYR A 277 12.11 47.50 -49.49
N ASP A 278 11.60 46.36 -49.03
CA ASP A 278 12.12 45.03 -49.39
C ASP A 278 13.64 44.88 -49.18
N GLY A 279 14.12 45.32 -48.02
CA GLY A 279 15.53 45.17 -47.63
C GLY A 279 16.48 46.20 -48.20
N ILE A 285 14.82 60.10 -54.69
CA ILE A 285 14.33 60.41 -56.05
C ILE A 285 14.06 61.90 -56.32
N GLY A 286 14.62 62.79 -55.51
CA GLY A 286 14.49 64.24 -55.74
C GLY A 286 13.63 65.01 -54.74
N GLY A 287 12.90 64.28 -53.90
CA GLY A 287 12.19 64.92 -52.80
C GLY A 287 13.05 64.98 -51.55
N ASP A 288 12.84 66.02 -50.73
CA ASP A 288 13.53 66.11 -49.45
C ASP A 288 12.55 65.92 -48.28
N LEU A 289 13.06 65.48 -47.15
CA LEU A 289 12.23 65.22 -45.96
C LEU A 289 12.45 66.31 -44.91
N ASP A 290 11.45 66.54 -44.05
CA ASP A 290 11.62 67.48 -42.92
C ASP A 290 12.74 67.02 -42.01
N LYS A 291 13.20 67.92 -41.14
CA LYS A 291 14.33 67.65 -40.26
C LYS A 291 14.09 66.38 -39.42
N LYS A 292 12.93 66.33 -38.76
CA LYS A 292 12.61 65.25 -37.81
C LYS A 292 12.43 63.86 -38.47
N SER A 293 11.80 63.83 -39.64
CA SER A 293 11.60 62.55 -40.35
C SER A 293 12.93 62.04 -40.89
N LYS A 294 13.81 62.96 -41.30
CA LYS A 294 15.14 62.59 -41.80
C LYS A 294 16.03 62.02 -40.69
N LYS A 295 16.05 62.69 -39.53
CA LYS A 295 16.84 62.24 -38.39
C LYS A 295 16.41 60.87 -37.96
N ALA A 296 15.09 60.65 -37.93
CA ALA A 296 14.51 59.37 -37.50
C ALA A 296 14.81 58.24 -38.49
N LEU A 297 14.73 58.57 -39.78
CA LEU A 297 15.08 57.62 -40.84
C LEU A 297 16.56 57.22 -40.81
N GLU A 298 17.43 58.21 -40.62
CA GLU A 298 18.88 57.97 -40.53
C GLU A 298 19.27 57.14 -39.31
N LYS A 299 18.56 57.32 -38.18
CA LYS A 299 18.82 56.53 -36.97
C LYS A 299 18.50 55.07 -37.23
N ILE A 300 17.34 54.84 -37.85
CA ILE A 300 16.92 53.51 -38.20
C ILE A 300 17.95 52.83 -39.10
N GLU A 301 18.41 53.55 -40.13
CA GLU A 301 19.44 53.03 -41.03
C GLU A 301 20.71 52.62 -40.28
N ASN A 302 21.10 53.40 -39.31
CA ASN A 302 22.28 53.09 -38.52
C ASN A 302 22.06 51.85 -37.60
N GLN A 303 20.84 51.69 -37.11
CA GLN A 303 20.45 50.49 -36.38
C GLN A 303 20.60 49.23 -37.25
N ILE A 304 20.04 49.29 -38.45
CA ILE A 304 20.11 48.18 -39.40
C ILE A 304 21.56 47.87 -39.76
N LYS A 305 22.37 48.91 -39.97
CA LYS A 305 23.80 48.73 -40.25
C LYS A 305 24.44 47.94 -39.15
N ASN A 306 24.09 48.29 -37.92
CA ASN A 306 24.65 47.66 -36.73
C ASN A 306 24.19 46.21 -36.48
N LEU A 307 22.89 45.95 -36.66
CA LEU A 307 22.38 44.58 -36.51
C LEU A 307 23.04 43.70 -37.57
N ASP A 308 23.04 44.18 -38.82
CA ASP A 308 23.68 43.52 -39.96
C ASP A 308 25.11 43.18 -39.62
N ALA A 309 25.87 44.18 -39.21
CA ALA A 309 27.27 43.93 -38.89
C ALA A 309 27.37 42.87 -37.79
N ALA A 310 26.53 42.96 -36.77
CA ALA A 310 26.57 42.02 -35.65
C ALA A 310 26.34 40.59 -36.05
N LEU A 311 25.27 40.36 -36.81
CA LEU A 311 24.88 39.05 -37.21
C LEU A 311 25.77 38.45 -38.30
N GLN A 312 26.41 39.31 -39.10
CA GLN A 312 27.39 38.85 -40.08
C GLN A 312 28.59 38.17 -39.38
N LYS A 313 28.92 38.59 -38.15
CA LYS A 313 30.00 37.93 -37.39
C LYS A 313 29.61 36.57 -36.78
N SER A 314 28.34 36.17 -36.88
CA SER A 314 27.88 34.96 -36.19
C SER A 314 27.28 33.97 -37.15
N LYS A 315 27.89 32.79 -37.20
CA LYS A 315 27.45 31.71 -38.07
C LYS A 315 27.02 30.57 -37.21
N ILE A 316 25.84 30.05 -37.48
CA ILE A 316 25.37 28.89 -36.78
C ILE A 316 26.21 27.66 -37.17
N THR A 317 26.69 26.95 -36.15
CA THR A 317 27.68 25.89 -36.33
C THR A 317 27.10 24.50 -36.58
N GLU A 318 25.78 24.34 -36.50
CA GLU A 318 25.15 23.03 -36.63
C GLU A 318 23.79 23.19 -37.23
N ASN A 319 23.28 22.15 -37.89
CA ASN A 319 21.88 22.17 -38.24
C ASN A 319 21.08 22.27 -36.92
N LEU A 320 20.10 23.18 -36.89
CA LEU A 320 19.43 23.55 -35.66
C LEU A 320 17.97 23.76 -35.95
N ILE A 321 17.13 23.37 -35.02
CA ILE A 321 15.71 23.62 -35.13
C ILE A 321 15.43 24.81 -34.25
N VAL A 322 14.63 25.74 -34.74
CA VAL A 322 14.14 26.85 -33.92
C VAL A 322 12.66 26.94 -34.16
N TYR A 323 11.98 27.68 -33.31
CA TYR A 323 10.53 27.63 -33.23
C TYR A 323 9.92 29.00 -33.26
N ARG A 324 8.74 29.08 -33.84
CA ARG A 324 8.03 30.34 -33.88
C ARG A 324 6.54 30.11 -33.91
N ARG A 325 5.85 30.69 -32.93
CA ARG A 325 4.39 30.64 -32.88
C ARG A 325 3.77 31.79 -33.68
N VAL A 326 2.75 31.47 -34.49
CA VAL A 326 2.13 32.46 -35.36
C VAL A 326 0.63 32.24 -35.55
N SER A 327 -0.07 33.28 -35.99
CA SER A 327 -1.48 33.20 -36.38
C SER A 327 -1.60 32.92 -37.89
N GLU A 328 -2.84 32.75 -38.37
CA GLU A 328 -3.09 32.50 -39.81
C GLU A 328 -2.51 33.62 -40.70
N LEU A 329 -2.34 34.82 -40.13
CA LEU A 329 -1.70 35.96 -40.81
C LEU A 329 -0.28 35.67 -41.28
N GLN A 330 0.29 34.55 -40.83
CA GLN A 330 1.52 34.02 -41.44
C GLN A 330 1.40 33.93 -42.97
N PHE A 331 0.24 33.48 -43.44
CA PHE A 331 0.05 33.20 -44.85
C PHE A 331 -0.59 34.36 -45.64
N GLY A 332 -0.46 35.59 -45.13
CA GLY A 332 -0.92 36.78 -45.86
C GLY A 332 -2.21 37.41 -45.35
N LYS A 333 -2.44 38.65 -45.78
CA LYS A 333 -3.65 39.42 -45.48
C LYS A 333 -4.93 38.64 -45.77
N LYS A 334 -4.95 37.91 -46.88
CA LYS A 334 -6.15 37.17 -47.30
C LYS A 334 -6.55 36.06 -46.31
N TYR A 335 -5.64 35.69 -45.39
CA TYR A 335 -5.97 34.81 -44.26
C TYR A 335 -6.12 35.69 -42.97
N GLU A 336 -7.23 36.45 -42.92
CA GLU A 336 -7.55 37.34 -41.79
C GLU A 336 -8.38 36.59 -40.75
N ASP A 337 -9.65 36.34 -41.08
CA ASP A 337 -10.57 35.70 -40.18
C ASP A 337 -10.82 34.30 -40.72
N TYR A 338 -9.74 33.53 -40.88
CA TYR A 338 -9.78 32.20 -41.52
C TYR A 338 -10.23 31.12 -40.56
N ASN A 339 -10.11 31.39 -39.26
CA ASN A 339 -10.54 30.45 -38.20
C ASN A 339 -10.03 29.01 -38.41
N LEU A 340 -8.71 28.87 -38.55
CA LEU A 340 -8.05 27.56 -38.64
C LEU A 340 -8.47 26.66 -37.46
N ARG A 341 -8.64 27.27 -36.28
CA ARG A 341 -8.97 26.54 -35.06
C ARG A 341 -10.29 27.05 -34.44
N GLN A 342 -11.19 26.12 -34.14
CA GLN A 342 -12.45 26.45 -33.48
C GLN A 342 -12.69 25.46 -32.34
N ASN A 343 -12.83 25.98 -31.12
CA ASN A 343 -13.00 25.15 -29.92
C ASN A 343 -11.83 24.17 -29.73
N GLY A 344 -10.62 24.63 -30.05
CA GLY A 344 -9.41 23.80 -29.89
C GLY A 344 -9.22 22.64 -30.88
N ILE A 345 -10.21 22.37 -31.75
CA ILE A 345 -10.05 21.36 -32.81
C ILE A 345 -9.46 22.05 -34.03
N ILE A 346 -8.36 21.50 -34.56
CA ILE A 346 -7.75 22.02 -35.78
C ILE A 346 -8.54 21.48 -36.96
N ASN A 347 -8.95 22.39 -37.84
CA ASN A 347 -9.82 22.08 -38.99
C ASN A 347 -9.01 21.32 -40.07
N GLU A 348 -9.36 20.04 -40.26
CA GLU A 348 -8.59 19.14 -41.13
C GLU A 348 -8.70 19.50 -42.63
N GLU A 349 -9.87 20.00 -43.02
CA GLU A 349 -10.11 20.40 -44.41
C GLU A 349 -9.36 21.69 -44.75
N LYS A 350 -9.35 22.63 -43.82
CA LYS A 350 -8.64 23.90 -43.99
C LYS A 350 -7.12 23.70 -44.08
N VAL A 351 -6.61 22.75 -43.31
CA VAL A 351 -5.16 22.41 -43.31
C VAL A 351 -4.75 21.81 -44.66
N MET A 352 -5.71 21.12 -45.32
CA MET A 352 -5.45 20.50 -46.61
C MET A 352 -5.41 21.55 -47.73
N GLU A 353 -6.18 22.63 -47.56
CA GLU A 353 -6.08 23.82 -48.44
C GLU A 353 -4.73 24.55 -48.26
N LEU A 354 -4.30 24.68 -47.03
CA LEU A 354 -2.97 25.30 -46.78
C LEU A 354 -1.87 24.46 -47.40
N GLU A 355 -1.93 23.16 -47.17
CA GLU A 355 -0.96 22.21 -47.73
C GLU A 355 -0.91 22.31 -49.25
N SER A 356 -2.10 22.37 -49.87
CA SER A 356 -2.21 22.43 -51.33
C SER A 356 -1.59 23.72 -51.87
N ASN A 357 -1.99 24.85 -51.31
CA ASN A 357 -1.51 26.15 -51.77
C ASN A 357 -0.05 26.47 -51.39
N PHE A 358 0.41 26.02 -50.23
CA PHE A 358 1.67 26.51 -49.69
C PHE A 358 2.84 25.52 -49.60
N LYS A 359 2.58 24.21 -49.63
CA LYS A 359 3.67 23.21 -49.52
C LYS A 359 4.63 23.30 -50.72
N GLY A 360 5.94 23.35 -50.44
CA GLY A 360 6.93 23.52 -51.48
C GLY A 360 7.02 24.94 -52.07
N GLN A 361 6.22 25.88 -51.54
CA GLN A 361 6.29 27.28 -51.97
C GLN A 361 7.23 27.99 -51.04
N THR A 362 7.64 29.21 -51.40
CA THR A 362 8.59 30.00 -50.59
C THR A 362 8.08 31.43 -50.30
N PHE A 363 8.78 32.11 -49.38
CA PHE A 363 8.58 33.54 -49.10
C PHE A 363 9.93 34.12 -48.65
N ILE A 364 10.17 35.38 -48.99
CA ILE A 364 11.36 36.08 -48.51
C ILE A 364 10.99 36.77 -47.22
N GLN A 365 11.91 36.71 -46.27
CA GLN A 365 11.77 37.33 -44.97
C GLN A 365 12.68 38.55 -44.97
N HIS A 366 12.12 39.71 -45.32
CA HIS A 366 12.89 40.96 -45.45
C HIS A 366 13.38 41.52 -44.15
N ASN A 367 12.60 41.34 -43.08
CA ASN A 367 13.06 41.72 -41.75
C ASN A 367 13.91 40.60 -41.18
N TYR A 368 14.64 40.88 -40.12
CA TYR A 368 15.29 39.83 -39.35
C TYR A 368 14.20 38.85 -38.90
N MET A 369 14.59 37.62 -38.54
CA MET A 369 13.60 36.62 -38.09
C MET A 369 13.95 36.23 -36.67
N SER A 370 13.09 36.67 -35.75
CA SER A 370 13.21 36.31 -34.38
C SER A 370 12.47 34.99 -34.09
N THR A 371 13.16 34.07 -33.43
CA THR A 371 12.67 32.70 -33.24
C THR A 371 13.02 32.34 -31.83
N SER A 372 12.57 31.14 -31.41
CA SER A 372 12.90 30.67 -30.08
C SER A 372 13.70 29.36 -30.20
N LEU A 373 14.78 29.24 -29.43
CA LEU A 373 15.55 28.02 -29.32
C LEU A 373 14.76 26.91 -28.63
N VAL A 374 13.75 27.28 -27.83
CA VAL A 374 12.82 26.32 -27.29
C VAL A 374 11.40 26.55 -27.79
N GLN A 375 10.67 25.47 -27.93
CA GLN A 375 9.30 25.53 -28.37
C GLN A 375 8.50 26.08 -27.19
N ASP A 376 7.76 27.17 -27.40
CA ASP A 376 6.75 27.64 -26.45
C ASP A 376 7.33 27.93 -25.09
N PRO A 377 8.30 28.84 -25.01
CA PRO A 377 8.84 29.13 -23.69
C PRO A 377 7.89 29.91 -22.75
N HIS A 378 6.81 30.51 -23.30
CA HIS A 378 5.92 31.40 -22.57
C HIS A 378 4.47 31.08 -22.85
N GLN A 379 3.70 30.82 -21.79
CA GLN A 379 2.32 30.32 -21.94
C GLN A 379 1.36 31.35 -22.55
N SER A 380 1.55 32.63 -22.23
CA SER A 380 0.69 33.72 -22.77
C SER A 380 0.98 33.98 -24.26
N TYR A 381 2.15 33.56 -24.73
CA TYR A 381 2.59 33.76 -26.11
C TYR A 381 2.94 32.44 -26.80
N SER A 382 2.04 31.45 -26.69
CA SER A 382 2.20 30.13 -27.35
C SER A 382 0.86 29.50 -27.74
N ASN A 383 0.48 28.34 -27.17
CA ASN A 383 -0.56 27.53 -27.81
C ASN A 383 -2.03 28.05 -27.76
N ASP A 384 -2.45 28.60 -26.61
CA ASP A 384 -3.82 29.15 -26.43
C ASP A 384 -4.10 30.40 -27.28
N ARG A 385 -3.02 31.13 -27.59
CA ARG A 385 -3.10 32.35 -28.40
C ARG A 385 -2.84 32.11 -29.90
N TYR A 386 -1.96 31.16 -30.23
CA TYR A 386 -1.47 30.97 -31.60
C TYR A 386 -1.66 29.52 -32.08
N PRO A 387 -2.48 29.32 -33.14
CA PRO A 387 -2.79 27.95 -33.56
C PRO A 387 -1.75 27.30 -34.48
N ILE A 388 -0.65 28.00 -34.77
CA ILE A 388 0.39 27.48 -35.67
C ILE A 388 1.76 27.52 -35.02
N LEU A 389 2.47 26.40 -35.05
CA LEU A 389 3.89 26.38 -34.67
C LEU A 389 4.73 26.21 -35.94
N LEU A 390 5.66 27.12 -36.18
CA LEU A 390 6.66 26.94 -37.24
C LEU A 390 7.83 26.24 -36.62
N GLU A 391 8.16 25.07 -37.16
CA GLU A 391 9.37 24.35 -36.79
C GLU A 391 10.36 24.58 -37.94
N ILE A 392 11.46 25.31 -37.65
CA ILE A 392 12.32 25.85 -38.69
C ILE A 392 13.72 25.25 -38.62
N THR A 393 14.09 24.59 -39.71
CA THR A 393 15.40 23.97 -39.81
C THR A 393 16.35 25.02 -40.40
N ILE A 394 17.38 25.34 -39.64
CA ILE A 394 18.43 26.25 -40.04
C ILE A 394 19.68 25.44 -40.29
N PRO A 395 20.14 25.39 -41.56
CA PRO A 395 21.31 24.57 -41.82
C PRO A 395 22.53 25.28 -41.33
N GLU A 396 23.57 24.51 -41.06
CA GLU A 396 24.87 25.07 -40.70
C GLU A 396 25.32 26.18 -41.70
N GLY A 397 25.94 27.22 -41.17
CA GLY A 397 26.40 28.31 -42.01
C GLY A 397 25.48 29.51 -42.08
N VAL A 398 24.21 29.36 -41.70
CA VAL A 398 23.28 30.52 -41.66
C VAL A 398 23.76 31.50 -40.61
N HIS A 399 23.56 32.78 -40.86
CA HIS A 399 23.93 33.82 -39.91
C HIS A 399 22.82 34.09 -38.94
N GLY A 400 23.10 33.89 -37.67
CA GLY A 400 22.11 34.06 -36.62
C GLY A 400 22.78 33.83 -35.29
N ALA A 401 22.14 34.25 -34.21
CA ALA A 401 22.75 34.15 -32.95
C ALA A 401 21.75 34.12 -31.81
N TYR A 402 22.18 33.53 -30.70
CA TYR A 402 21.41 33.47 -29.46
C TYR A 402 21.54 34.78 -28.72
N ILE A 403 20.43 35.51 -28.59
CA ILE A 403 20.45 36.86 -28.00
C ILE A 403 19.68 36.99 -26.68
N ALA A 404 19.23 35.87 -26.13
CA ALA A 404 18.37 35.87 -24.93
C ALA A 404 18.91 36.67 -23.74
N ASP A 405 20.21 36.56 -23.45
CA ASP A 405 20.85 37.33 -22.35
C ASP A 405 20.65 38.85 -22.50
N MET A 406 20.57 39.31 -23.75
CA MET A 406 20.54 40.75 -24.01
C MET A 406 19.11 41.24 -24.21
N SER A 407 18.13 40.33 -24.18
CA SER A 407 16.73 40.68 -24.38
C SER A 407 16.14 41.49 -23.22
N GLU A 408 15.28 42.47 -23.55
CA GLU A 408 14.51 43.22 -22.54
C GLU A 408 13.38 42.36 -21.94
N TYR A 409 13.11 41.20 -22.56
CA TYR A 409 12.08 40.26 -22.13
C TYR A 409 12.74 38.92 -21.88
N PRO A 410 13.30 38.74 -20.67
CA PRO A 410 13.94 37.49 -20.27
C PRO A 410 13.00 36.29 -20.36
N GLY A 411 13.56 35.09 -20.48
CA GLY A 411 12.81 33.86 -20.47
C GLY A 411 12.27 33.50 -21.83
N GLN A 412 12.83 34.08 -22.89
CA GLN A 412 12.30 33.83 -24.23
C GLN A 412 13.27 33.08 -25.18
N TYR A 413 14.52 32.88 -24.77
CA TYR A 413 15.46 31.97 -25.46
C TYR A 413 15.63 32.30 -26.97
N GLU A 414 15.65 33.59 -27.27
CA GLU A 414 15.61 34.11 -28.65
C GLU A 414 16.83 33.75 -29.51
N MET A 415 16.55 33.21 -30.67
CA MET A 415 17.57 33.06 -31.71
C MET A 415 17.25 34.07 -32.77
N LEU A 416 18.13 35.01 -32.99
CA LEU A 416 17.91 36.02 -34.01
C LEU A 416 18.63 35.63 -35.30
N ILE A 417 17.85 35.41 -36.33
CA ILE A 417 18.37 35.07 -37.62
C ILE A 417 18.47 36.35 -38.42
N ASN A 418 19.48 36.42 -39.28
CA ASN A 418 19.68 37.58 -40.12
C ASN A 418 18.55 37.80 -41.12
N ARG A 419 18.43 39.04 -41.56
CA ARG A 419 17.39 39.37 -42.55
C ARG A 419 17.74 38.87 -43.96
N GLY A 420 16.71 38.73 -44.79
CA GLY A 420 16.91 38.53 -46.21
C GLY A 420 17.05 37.11 -46.71
N TYR A 421 16.96 36.09 -45.82
CA TYR A 421 16.85 34.68 -46.25
C TYR A 421 15.47 34.39 -46.79
N THR A 422 15.40 33.33 -47.62
CA THR A 422 14.14 32.81 -48.18
C THR A 422 13.85 31.45 -47.49
N PHE A 423 12.59 31.22 -47.17
CA PHE A 423 12.16 30.07 -46.36
C PHE A 423 11.14 29.30 -47.18
N LYS A 424 11.14 27.96 -47.04
CA LYS A 424 10.22 27.11 -47.80
C LYS A 424 9.36 26.32 -46.84
N TYR A 425 8.11 26.08 -47.23
CA TYR A 425 7.19 25.27 -46.45
C TYR A 425 7.31 23.81 -46.89
N ASP A 426 7.67 22.92 -45.97
CA ASP A 426 8.00 21.51 -46.28
C ASP A 426 6.90 20.53 -45.89
N LYS A 427 6.29 20.73 -44.73
CA LYS A 427 5.35 19.74 -44.14
C LYS A 427 4.31 20.38 -43.20
N PHE A 428 3.10 19.83 -43.24
CA PHE A 428 1.98 20.33 -42.45
C PHE A 428 1.40 19.18 -41.63
N SER A 429 1.57 19.24 -40.33
CA SER A 429 1.12 18.16 -39.42
C SER A 429 0.17 18.68 -38.35
N ILE A 430 -0.88 17.94 -38.09
CA ILE A 430 -1.79 18.28 -36.98
C ILE A 430 -1.26 17.60 -35.71
N VAL A 431 -1.25 18.34 -34.61
CA VAL A 431 -0.73 17.79 -33.33
C VAL A 431 -1.80 17.75 -32.22
N LYS A 432 -2.01 16.57 -31.67
CA LYS A 432 -2.99 16.38 -30.61
C LYS A 432 -2.49 16.92 -29.27
N PRO A 433 -3.41 17.42 -28.41
CA PRO A 433 -2.97 17.79 -27.06
C PRO A 433 -2.57 16.55 -26.26
N THR A 434 -1.26 16.37 -26.04
CA THR A 434 -0.73 15.20 -25.34
C THR A 434 0.03 15.64 -24.07
N ARG A 435 0.04 16.96 -23.82
CA ARG A 435 0.73 17.56 -22.68
C ARG A 435 -0.17 18.58 -21.98
N GLU A 436 -0.15 18.58 -20.65
CA GLU A 436 -0.92 19.57 -19.87
C GLU A 436 -0.60 20.99 -20.36
N GLU A 437 0.60 21.16 -20.91
CA GLU A 437 1.09 22.46 -21.35
C GLU A 437 0.53 22.88 -22.75
N ASP A 438 -0.29 22.02 -23.36
CA ASP A 438 -1.02 22.33 -24.59
C ASP A 438 -2.38 22.97 -24.28
N LYS A 439 -2.80 22.86 -23.01
CA LYS A 439 -4.06 23.43 -22.51
C LYS A 439 -5.29 22.86 -23.25
N GLY A 440 -5.23 21.58 -23.63
CA GLY A 440 -6.36 20.91 -24.29
C GLY A 440 -6.57 21.20 -25.77
N LYS A 441 -5.81 22.15 -26.31
CA LYS A 441 -5.99 22.67 -27.68
C LYS A 441 -4.99 22.05 -28.68
N GLU A 442 -5.51 21.51 -29.80
CA GLU A 442 -4.64 21.03 -30.90
C GLU A 442 -3.93 22.21 -31.59
N TYR A 443 -2.98 21.89 -32.47
CA TYR A 443 -2.39 22.92 -33.33
C TYR A 443 -1.81 22.36 -34.63
N LEU A 444 -1.56 23.28 -35.58
CA LEU A 444 -0.92 22.94 -36.84
C LEU A 444 0.57 23.20 -36.70
N LYS A 445 1.38 22.17 -36.96
CA LYS A 445 2.82 22.32 -37.03
C LYS A 445 3.27 22.33 -38.48
N VAL A 446 3.90 23.43 -38.84
CA VAL A 446 4.38 23.68 -40.18
C VAL A 446 5.90 23.70 -40.17
N ASN A 447 6.52 22.78 -40.92
CA ASN A 447 8.00 22.75 -41.05
C ASN A 447 8.44 23.67 -42.18
N LEU A 448 9.45 24.50 -41.89
CA LEU A 448 10.09 25.39 -42.85
C LEU A 448 11.60 25.14 -42.86
N SER A 449 12.22 25.42 -44.00
CA SER A 449 13.66 25.36 -44.17
C SER A 449 14.13 26.59 -44.90
N ILE A 450 15.42 26.93 -44.73
CA ILE A 450 16.06 28.01 -45.48
C ILE A 450 16.13 27.69 -46.98
N ASP B 1 19.46 2.72 14.48
CA ASP B 1 18.87 3.42 15.66
C ASP B 1 17.64 4.25 15.26
N GLU B 2 17.81 5.10 14.25
CA GLU B 2 16.72 6.00 13.78
C GLU B 2 15.47 5.21 13.35
N ASN B 3 15.66 4.13 12.60
CA ASN B 3 14.53 3.24 12.27
C ASN B 3 13.98 2.60 13.54
N SER B 4 14.87 2.28 14.48
CA SER B 4 14.49 1.72 15.79
C SER B 4 13.77 2.74 16.69
N LYS B 5 14.18 4.00 16.63
CA LYS B 5 13.55 5.06 17.42
C LYS B 5 12.15 5.31 16.90
N LYS B 6 12.05 5.44 15.57
CA LYS B 6 10.77 5.68 14.90
C LYS B 6 9.75 4.58 15.15
N THR B 7 10.20 3.32 15.24
CA THR B 7 9.28 2.18 15.42
C THR B 7 8.69 2.14 16.84
N GLN B 8 9.55 2.30 17.85
CA GLN B 8 9.12 2.44 19.27
C GLN B 8 8.08 3.55 19.41
N GLU B 9 8.41 4.75 18.93
CA GLU B 9 7.46 5.88 18.86
C GLU B 9 6.07 5.51 18.27
N LEU B 10 6.07 4.77 17.16
CA LEU B 10 4.84 4.31 16.53
C LEU B 10 4.03 3.35 17.42
N VAL B 11 4.73 2.49 18.15
CA VAL B 11 4.08 1.55 19.05
C VAL B 11 3.49 2.30 20.26
N GLU B 12 4.23 3.30 20.73
CA GLU B 12 3.81 4.15 21.84
C GLU B 12 2.64 5.07 21.52
N LYS B 13 2.40 5.30 20.25
CA LYS B 13 1.29 6.13 19.78
C LYS B 13 0.09 5.29 19.46
N LEU B 14 0.20 3.97 19.53
CA LEU B 14 -0.95 3.08 19.32
C LEU B 14 -1.95 3.30 20.44
N PRO B 15 -3.24 3.14 20.14
CA PRO B 15 -4.20 3.51 21.18
C PRO B 15 -4.10 2.61 22.41
N HIS B 16 -4.32 3.22 23.57
CA HIS B 16 -4.16 2.56 24.84
C HIS B 16 -5.12 1.40 25.05
N GLU B 17 -6.39 1.60 24.76
CA GLU B 17 -7.42 0.61 25.06
C GLU B 17 -7.26 -0.61 24.22
N VAL B 18 -6.79 -0.38 23.00
CA VAL B 18 -6.57 -1.45 22.04
C VAL B 18 -5.43 -2.33 22.52
N LEU B 19 -4.37 -1.72 23.04
CA LEU B 19 -3.24 -2.47 23.56
C LEU B 19 -3.50 -3.15 24.92
N GLU B 20 -4.43 -2.62 25.72
CA GLU B 20 -4.85 -3.31 26.94
C GLU B 20 -5.64 -4.58 26.58
N LEU B 21 -6.47 -4.52 25.57
CA LEU B 21 -7.21 -5.68 25.14
C LEU B 21 -6.30 -6.79 24.63
N TYR B 22 -5.29 -6.41 23.85
CA TYR B 22 -4.29 -7.34 23.36
C TYR B 22 -3.45 -7.90 24.49
N LYS B 23 -3.07 -7.04 25.44
CA LYS B 23 -2.25 -7.47 26.57
C LYS B 23 -2.99 -8.48 27.39
N ASN B 24 -4.30 -8.27 27.56
CA ASN B 24 -5.07 -9.17 28.41
C ASN B 24 -5.04 -10.64 27.93
N VAL B 25 -4.88 -10.87 26.63
CA VAL B 25 -4.76 -12.25 26.12
C VAL B 25 -3.32 -12.71 25.91
N GLY B 26 -2.37 -12.04 26.54
CA GLY B 26 -0.95 -12.35 26.40
C GLY B 26 -0.37 -11.87 25.08
N GLY B 27 -1.11 -11.02 24.38
CA GLY B 27 -0.62 -10.40 23.16
C GLY B 27 0.66 -9.65 23.43
N GLU B 28 1.67 -9.82 22.57
CA GLU B 28 2.93 -9.09 22.71
C GLU B 28 3.38 -8.48 21.42
N ILE B 29 4.25 -7.48 21.53
CA ILE B 29 4.72 -6.71 20.40
C ILE B 29 6.26 -6.73 20.35
N TYR B 30 6.81 -7.17 19.21
CA TYR B 30 8.26 -7.29 19.04
C TYR B 30 8.79 -6.41 17.93
N ILE B 31 9.91 -5.75 18.18
CA ILE B 31 10.60 -4.98 17.16
C ILE B 31 11.88 -5.72 16.84
N THR B 32 12.22 -5.79 15.55
CA THR B 32 13.35 -6.61 15.10
C THR B 32 14.06 -6.01 13.89
N ASP B 33 15.39 -6.06 13.90
CA ASP B 33 16.22 -5.64 12.75
C ASP B 33 16.45 -6.79 11.75
N LYS B 34 16.09 -8.02 12.14
CA LYS B 34 16.20 -9.19 11.26
C LYS B 34 14.93 -9.37 10.45
N ARG B 35 15.00 -10.20 9.41
CA ARG B 35 13.80 -10.59 8.66
C ARG B 35 12.80 -11.26 9.58
N LEU B 36 11.52 -11.12 9.26
CA LEU B 36 10.45 -11.66 10.11
C LEU B 36 10.58 -13.17 10.33
N THR B 37 10.94 -13.91 9.29
CA THR B 37 11.00 -15.35 9.37
C THR B 37 12.17 -15.86 10.22
N GLN B 38 13.12 -14.97 10.54
CA GLN B 38 14.24 -15.30 11.43
C GLN B 38 13.91 -14.98 12.90
N HIS B 39 12.70 -14.47 13.18
CA HIS B 39 12.31 -14.17 14.55
C HIS B 39 11.89 -15.42 15.28
N GLU B 40 12.22 -15.49 16.57
CA GLU B 40 11.95 -16.71 17.36
C GLU B 40 10.46 -17.05 17.46
N GLU B 41 9.59 -16.03 17.39
CA GLU B 41 8.14 -16.24 17.32
C GLU B 41 7.69 -16.95 16.04
N LEU B 42 8.51 -16.92 14.99
CA LEU B 42 8.13 -17.49 13.68
C LEU B 42 9.01 -18.67 13.20
N SER B 43 10.32 -18.59 13.45
CA SER B 43 11.25 -19.65 13.08
C SER B 43 10.77 -21.05 13.51
N ASP B 44 10.38 -21.19 14.79
CA ASP B 44 9.88 -22.46 15.32
C ASP B 44 8.36 -22.58 15.08
N ASP B 49 7.62 -20.38 2.22
CA ASP B 49 6.31 -21.02 2.08
C ASP B 49 5.08 -20.08 2.36
N MET B 50 5.10 -19.27 3.43
CA MET B 50 3.96 -18.39 3.73
C MET B 50 4.00 -17.03 3.02
N PHE B 51 2.80 -16.58 2.66
CA PHE B 51 2.60 -15.29 2.02
C PHE B 51 1.61 -14.47 2.83
N ILE B 52 1.75 -13.15 2.71
CA ILE B 52 0.88 -12.20 3.39
C ILE B 52 0.21 -11.30 2.36
N VAL B 53 -0.83 -10.57 2.79
CA VAL B 53 -1.53 -9.65 1.94
C VAL B 53 -1.61 -8.35 2.63
N SER B 54 -1.16 -7.31 1.95
CA SER B 54 -1.09 -5.98 2.54
C SER B 54 -2.47 -5.34 2.54
N SER B 55 -2.58 -4.13 3.12
CA SER B 55 -3.90 -3.48 3.22
C SER B 55 -4.56 -3.20 1.86
N GLU B 56 -3.76 -3.01 0.83
CA GLU B 56 -4.29 -2.79 -0.52
C GLU B 56 -4.32 -4.08 -1.38
N GLY B 57 -4.14 -5.24 -0.77
CA GLY B 57 -4.31 -6.54 -1.45
C GLY B 57 -3.11 -7.07 -2.23
N LYS B 58 -1.91 -6.58 -1.91
CA LYS B 58 -0.73 -7.06 -2.56
C LYS B 58 -0.15 -8.23 -1.76
N SER B 59 0.18 -9.30 -2.48
CA SER B 59 0.78 -10.52 -1.91
C SER B 59 2.25 -10.39 -1.86
N PHE B 60 2.86 -10.75 -0.75
CA PHE B 60 4.31 -10.81 -0.64
C PHE B 60 4.67 -12.05 0.17
N PRO B 61 5.81 -12.67 -0.12
CA PRO B 61 6.28 -13.72 0.80
C PRO B 61 6.52 -13.10 2.20
N LEU B 62 6.26 -13.85 3.28
CA LEU B 62 6.39 -13.32 4.63
C LEU B 62 7.80 -12.80 4.92
N ARG B 63 8.80 -13.50 4.41
CA ARG B 63 10.20 -13.13 4.66
C ARG B 63 10.57 -11.78 4.03
N GLU B 64 9.74 -11.29 3.11
CA GLU B 64 9.97 -10.02 2.39
C GLU B 64 9.29 -8.83 3.01
N HIS B 65 8.35 -9.09 3.92
CA HIS B 65 7.51 -8.03 4.48
C HIS B 65 8.02 -7.55 5.80
N PHE B 66 7.47 -6.45 6.28
CA PHE B 66 8.03 -5.74 7.43
C PHE B 66 7.14 -5.74 8.67
N VAL B 67 5.96 -6.31 8.57
CA VAL B 67 5.08 -6.45 9.68
C VAL B 67 4.16 -7.69 9.57
N PHE B 68 3.96 -8.38 10.70
CA PHE B 68 3.09 -9.57 10.76
C PHE B 68 2.45 -9.76 12.12
N ALA B 69 1.14 -9.90 12.14
CA ALA B 69 0.40 -10.36 13.33
C ALA B 69 0.23 -11.85 13.31
N LYS B 70 0.96 -12.52 14.18
CA LYS B 70 0.87 -13.97 14.41
C LYS B 70 -0.30 -14.29 15.32
N GLY B 71 -1.24 -15.09 14.82
CA GLY B 71 -2.43 -15.39 15.55
C GLY B 71 -2.21 -16.57 16.46
N GLY B 72 -3.29 -17.12 16.97
CA GLY B 72 -3.20 -18.38 17.72
C GLY B 72 -3.15 -18.17 19.22
N LYS B 73 -2.59 -19.17 19.92
CA LYS B 73 -2.59 -19.25 21.37
C LYS B 73 -1.74 -18.21 22.04
N GLU B 74 -0.70 -17.77 21.33
CA GLU B 74 0.19 -16.74 21.83
C GLU B 74 0.36 -15.66 20.76
N PRO B 75 -0.67 -14.84 20.57
CA PRO B 75 -0.58 -13.76 19.58
C PRO B 75 0.64 -12.82 19.75
N SER B 76 1.29 -12.50 18.63
CA SER B 76 2.45 -11.62 18.61
C SER B 76 2.35 -10.72 17.43
N LEU B 77 2.76 -9.47 17.58
CA LEU B 77 2.82 -8.53 16.48
C LEU B 77 4.29 -8.26 16.24
N ILE B 78 4.84 -8.79 15.14
CA ILE B 78 6.25 -8.66 14.86
C ILE B 78 6.47 -7.50 13.88
N ILE B 79 7.34 -6.55 14.26
CA ILE B 79 7.54 -5.35 13.47
C ILE B 79 8.99 -5.16 13.14
N HIS B 80 9.27 -5.09 11.85
CA HIS B 80 10.59 -4.81 11.39
C HIS B 80 10.82 -3.34 11.50
N ALA B 81 11.96 -2.97 12.05
CA ALA B 81 12.28 -1.59 12.28
C ALA B 81 12.58 -0.92 10.95
N GLU B 82 11.76 0.07 10.61
CA GLU B 82 11.87 0.86 9.41
C GLU B 82 11.74 2.32 9.81
N ASP B 83 11.93 3.19 8.83
CA ASP B 83 11.58 4.61 8.90
C ASP B 83 10.07 4.76 8.73
N TYR B 84 9.39 4.80 9.86
CA TYR B 84 7.95 4.91 9.87
C TYR B 84 7.46 6.36 9.82
N ALA B 85 8.29 7.28 9.33
CA ALA B 85 7.81 8.60 8.93
C ALA B 85 6.85 8.46 7.75
N SER B 86 7.13 7.48 6.88
CA SER B 86 6.31 7.20 5.71
C SER B 86 4.96 6.61 6.15
N HIS B 87 3.89 7.24 5.71
CA HIS B 87 2.57 6.82 6.05
C HIS B 87 2.20 5.52 5.37
N LEU B 88 2.80 5.27 4.19
CA LEU B 88 2.56 4.04 3.44
C LEU B 88 2.98 2.83 4.24
N SER B 89 4.10 2.97 4.93
CA SER B 89 4.55 1.95 5.85
C SER B 89 3.79 1.89 7.19
N SER B 90 3.52 3.06 7.81
CA SER B 90 2.82 3.06 9.10
C SER B 90 1.46 2.39 9.01
N VAL B 91 0.72 2.64 7.93
CA VAL B 91 -0.64 2.15 7.85
C VAL B 91 -0.69 0.60 7.86
N GLU B 92 0.35 -0.04 7.35
CA GLU B 92 0.40 -1.47 7.29
C GLU B 92 0.53 -2.04 8.66
N VAL B 93 1.25 -1.33 9.52
CA VAL B 93 1.41 -1.74 10.90
C VAL B 93 0.11 -1.58 11.68
N TYR B 94 -0.63 -0.50 11.46
CA TYR B 94 -1.97 -0.39 12.08
C TYR B 94 -2.94 -1.47 11.52
N TYR B 95 -2.78 -1.83 10.24
CA TYR B 95 -3.64 -2.81 9.59
C TYR B 95 -3.43 -4.18 10.23
N GLU B 96 -2.19 -4.59 10.42
CA GLU B 96 -1.92 -5.81 11.13
C GLU B 96 -2.34 -5.77 12.58
N LEU B 97 -2.23 -4.62 13.25
CA LEU B 97 -2.73 -4.53 14.63
C LEU B 97 -4.26 -4.72 14.62
N GLY B 98 -4.92 -4.12 13.64
CA GLY B 98 -6.34 -4.26 13.49
C GLY B 98 -6.75 -5.68 13.34
N LYS B 99 -6.03 -6.43 12.50
CA LYS B 99 -6.31 -7.85 12.32
C LYS B 99 -6.06 -8.64 13.61
N ALA B 100 -5.00 -8.30 14.35
CA ALA B 100 -4.73 -8.95 15.65
C ALA B 100 -5.83 -8.75 16.67
N ILE B 101 -6.48 -7.59 16.65
CA ILE B 101 -7.66 -7.38 17.48
C ILE B 101 -8.85 -8.21 16.99
N ILE B 102 -9.26 -8.04 15.74
CA ILE B 102 -10.53 -8.63 15.30
C ILE B 102 -10.46 -10.15 15.14
N ARG B 103 -9.24 -10.65 14.95
CA ARG B 103 -9.01 -12.08 14.72
C ARG B 103 -8.51 -12.80 15.95
N ASP B 104 -7.61 -12.18 16.71
CA ASP B 104 -6.84 -12.91 17.76
C ASP B 104 -7.27 -12.60 19.20
N THR B 105 -8.04 -11.54 19.40
CA THR B 105 -8.30 -10.99 20.74
C THR B 105 -9.73 -11.21 21.21
N PHE B 106 -9.92 -12.06 22.20
CA PHE B 106 -11.21 -12.24 22.85
C PHE B 106 -11.50 -10.99 23.69
N PRO B 107 -12.76 -10.54 23.69
CA PRO B 107 -13.95 -11.07 23.08
C PRO B 107 -14.25 -10.59 21.67
N LEU B 108 -13.53 -9.63 21.15
CA LEU B 108 -13.82 -9.12 19.81
C LEU B 108 -13.82 -10.19 18.73
N ASN B 109 -12.90 -11.14 18.84
CA ASN B 109 -12.78 -12.13 17.77
C ASN B 109 -13.90 -13.15 17.74
N GLN B 110 -14.74 -13.23 18.78
CA GLN B 110 -15.91 -14.10 18.74
C GLN B 110 -17.21 -13.34 18.56
N LYS B 111 -17.22 -12.04 18.86
CA LYS B 111 -18.49 -11.33 19.03
C LYS B 111 -18.71 -10.14 18.10
N GLU B 112 -17.65 -9.45 17.71
CA GLU B 112 -17.79 -8.14 17.09
C GLU B 112 -18.37 -8.14 15.66
N LEU B 113 -17.90 -9.02 14.78
CA LEU B 113 -18.36 -9.00 13.39
C LEU B 113 -19.84 -9.44 13.26
N GLY B 114 -20.33 -10.16 14.26
CA GLY B 114 -21.77 -10.49 14.36
C GLY B 114 -22.61 -9.42 15.04
N ASN B 115 -21.96 -8.41 15.59
CA ASN B 115 -22.64 -7.29 16.25
C ASN B 115 -23.50 -6.51 15.24
N PRO B 116 -24.66 -5.99 15.70
CA PRO B 116 -25.44 -5.13 14.83
C PRO B 116 -24.68 -3.92 14.33
N LYS B 117 -23.79 -3.38 15.15
CA LYS B 117 -23.05 -2.16 14.79
C LYS B 117 -22.19 -2.37 13.58
N PHE B 118 -21.50 -3.51 13.54
CA PHE B 118 -20.66 -3.80 12.41
C PHE B 118 -21.48 -4.03 11.15
N ILE B 119 -22.49 -4.88 11.28
CA ILE B 119 -23.35 -5.24 10.16
C ILE B 119 -24.12 -4.04 9.62
N ASN B 120 -24.53 -3.13 10.52
CA ASN B 120 -25.21 -1.90 10.10
C ASN B 120 -24.31 -1.04 9.29
N ALA B 121 -23.10 -0.84 9.79
CA ALA B 121 -22.13 0.01 9.11
C ALA B 121 -21.78 -0.53 7.73
N ILE B 122 -21.44 -1.81 7.68
CA ILE B 122 -20.97 -2.39 6.42
C ILE B 122 -22.06 -2.35 5.34
N ASN B 123 -23.31 -2.60 5.75
CA ASN B 123 -24.45 -2.48 4.83
C ASN B 123 -24.62 -1.05 4.34
N GLU B 124 -24.53 -0.08 5.24
CA GLU B 124 -24.64 1.31 4.88
C GLU B 124 -23.57 1.71 3.86
N VAL B 125 -22.40 1.08 3.93
CA VAL B 125 -21.34 1.33 2.95
C VAL B 125 -21.63 0.62 1.62
N ASN B 126 -22.25 -0.56 1.69
CA ASN B 126 -22.63 -1.32 0.50
C ASN B 126 -23.86 -0.73 -0.20
N GLN B 127 -24.43 0.35 0.35
CA GLN B 127 -25.67 0.96 -0.15
C GLN B 127 -25.56 2.48 -0.48
N GLN B 128 -24.35 3.04 -0.40
CA GLN B 128 -24.13 4.47 -0.72
C GLN B 128 -24.62 4.86 -2.14
N LYS B 129 -25.28 6.02 -2.26
CA LYS B 129 -26.03 6.41 -3.49
C LYS B 129 -25.74 7.82 -4.20
N ASP B 139 -23.01 4.48 -5.73
CA ASP B 139 -21.67 4.88 -5.30
C ASP B 139 -20.80 3.70 -4.76
N GLU B 140 -19.64 3.48 -5.38
CA GLU B 140 -18.77 2.33 -5.09
C GLU B 140 -17.53 2.73 -4.27
N ASP B 141 -17.42 4.01 -3.90
CA ASP B 141 -16.21 4.52 -3.28
C ASP B 141 -15.87 3.81 -1.97
N GLY B 142 -16.87 3.58 -1.15
CA GLY B 142 -16.69 2.83 0.08
C GLY B 142 -16.17 1.42 -0.20
N ARG B 143 -16.83 0.72 -1.12
CA ARG B 143 -16.42 -0.61 -1.55
C ARG B 143 -15.00 -0.59 -2.08
N ASP B 144 -14.71 0.33 -2.99
CA ASP B 144 -13.36 0.43 -3.55
C ASP B 144 -12.32 0.71 -2.48
N LEU B 145 -12.69 1.49 -1.45
CA LEU B 145 -11.72 1.85 -0.41
C LEU B 145 -11.38 0.70 0.55
N LEU B 146 -12.37 -0.15 0.85
CA LEU B 146 -12.25 -1.04 2.00
C LEU B 146 -12.42 -2.52 1.73
N PHE B 147 -13.12 -2.90 0.67
CA PHE B 147 -13.47 -4.31 0.46
C PHE B 147 -12.37 -4.94 -0.38
N GLY B 148 -11.96 -6.14 -0.02
CA GLY B 148 -11.00 -6.92 -0.82
C GLY B 148 -11.62 -7.41 -2.13
N LYS B 149 -10.76 -7.95 -2.99
CA LYS B 149 -11.15 -8.52 -4.29
C LYS B 149 -12.27 -9.56 -4.20
N GLU B 150 -12.03 -10.59 -3.38
CA GLU B 150 -12.96 -11.72 -3.29
C GLU B 150 -14.30 -11.31 -2.75
N LEU B 151 -14.32 -10.34 -1.85
CA LEU B 151 -15.57 -9.85 -1.28
C LEU B 151 -16.41 -9.12 -2.31
N LYS B 152 -15.78 -8.23 -3.08
CA LYS B 152 -16.53 -7.48 -4.10
C LYS B 152 -17.12 -8.42 -5.16
N LYS B 153 -16.42 -9.50 -5.47
CA LYS B 153 -16.94 -10.54 -6.40
C LYS B 153 -18.11 -11.36 -5.81
N ASN B 154 -18.12 -11.49 -4.48
CA ASN B 154 -19.16 -12.26 -3.78
C ASN B 154 -20.25 -11.41 -3.11
N LEU B 155 -19.97 -10.10 -2.96
CA LEU B 155 -20.98 -9.13 -2.49
C LEU B 155 -21.14 -7.95 -3.46
N GLU B 156 -22.30 -7.86 -4.12
CA GLU B 156 -22.60 -6.76 -5.04
C GLU B 156 -23.19 -5.55 -4.30
N HIS B 157 -23.24 -4.40 -4.97
CA HIS B 157 -23.71 -3.16 -4.35
C HIS B 157 -25.19 -3.25 -4.08
N GLY B 158 -25.60 -2.92 -2.85
CA GLY B 158 -27.02 -2.98 -2.47
C GLY B 158 -27.46 -4.34 -1.96
N GLN B 159 -26.54 -5.31 -1.99
CA GLN B 159 -26.79 -6.65 -1.47
C GLN B 159 -26.62 -6.62 0.03
N LEU B 160 -27.53 -7.28 0.73
CA LEU B 160 -27.59 -7.23 2.17
C LEU B 160 -26.61 -8.22 2.77
N VAL B 161 -25.75 -7.72 3.66
CA VAL B 161 -24.89 -8.58 4.48
C VAL B 161 -25.66 -9.02 5.75
N ASP B 162 -25.55 -10.30 6.11
CA ASP B 162 -26.18 -10.85 7.33
C ASP B 162 -25.19 -11.73 8.11
N LEU B 163 -25.58 -12.21 9.29
CA LEU B 163 -24.72 -13.08 10.11
C LEU B 163 -24.12 -14.24 9.28
N ASP B 164 -24.93 -14.81 8.38
CA ASP B 164 -24.54 -15.97 7.55
C ASP B 164 -23.43 -15.64 6.53
N LEU B 165 -23.60 -14.54 5.79
CA LEU B 165 -22.59 -14.12 4.82
C LEU B 165 -21.26 -13.83 5.50
N ILE B 166 -21.33 -13.28 6.70
CA ILE B 166 -20.14 -12.97 7.48
C ILE B 166 -19.41 -14.24 7.93
N SER B 167 -20.16 -15.23 8.36
CA SER B 167 -19.57 -16.45 8.88
C SER B 167 -18.89 -17.28 7.79
N GLY B 168 -19.46 -17.28 6.58
CA GLY B 168 -18.90 -18.01 5.45
C GLY B 168 -17.69 -17.34 4.82
N ASN B 169 -17.57 -16.03 5.03
CA ASN B 169 -16.48 -15.23 4.45
C ASN B 169 -15.78 -14.39 5.51
N LEU B 170 -15.30 -15.06 6.55
CA LEU B 170 -14.83 -14.38 7.76
C LEU B 170 -13.61 -13.51 7.55
N SER B 171 -12.58 -14.04 6.90
CA SER B 171 -11.34 -13.29 6.74
C SER B 171 -11.54 -12.04 5.89
N GLU B 172 -12.52 -12.08 4.98
CA GLU B 172 -12.85 -10.93 4.18
C GLU B 172 -13.42 -9.79 5.05
N PHE B 173 -14.21 -10.10 6.06
CA PHE B 173 -14.76 -9.06 6.94
C PHE B 173 -13.78 -8.64 8.02
N GLN B 174 -12.93 -9.56 8.46
CA GLN B 174 -11.82 -9.18 9.32
C GLN B 174 -10.98 -8.10 8.66
N HIS B 175 -10.71 -8.25 7.36
CA HIS B 175 -9.98 -7.29 6.57
C HIS B 175 -10.65 -5.94 6.53
N VAL B 176 -11.96 -5.93 6.33
CA VAL B 176 -12.72 -4.69 6.32
C VAL B 176 -12.63 -4.00 7.66
N PHE B 177 -12.74 -4.75 8.74
CA PHE B 177 -12.55 -4.17 10.06
C PHE B 177 -11.13 -3.61 10.21
N ALA B 178 -10.15 -4.42 9.84
CA ALA B 178 -8.75 -4.05 10.05
C ALA B 178 -8.34 -2.84 9.22
N LYS B 179 -8.86 -2.74 8.02
CA LYS B 179 -8.53 -1.63 7.17
C LYS B 179 -9.22 -0.32 7.61
N SER B 180 -10.47 -0.42 8.04
CA SER B 180 -11.17 0.70 8.69
C SER B 180 -10.39 1.21 9.89
N PHE B 181 -9.95 0.28 10.71
CA PHE B 181 -9.12 0.56 11.86
C PHE B 181 -7.84 1.32 11.43
N ALA B 182 -7.19 0.82 10.40
CA ALA B 182 -5.92 1.38 10.00
C ALA B 182 -6.07 2.80 9.44
N LEU B 183 -7.08 2.99 8.59
CA LEU B 183 -7.30 4.26 7.97
C LEU B 183 -7.72 5.27 9.02
N TYR B 184 -8.43 4.79 10.05
CA TYR B 184 -8.89 5.68 11.09
C TYR B 184 -7.74 6.24 11.90
N TYR B 185 -6.83 5.37 12.32
CA TYR B 185 -5.72 5.78 13.22
C TYR B 185 -4.56 6.44 12.52
N GLU B 186 -4.39 6.17 11.26
CA GLU B 186 -3.35 6.78 10.51
C GLU B 186 -3.83 8.16 10.04
N PRO B 187 -3.16 9.25 10.47
CA PRO B 187 -3.75 10.59 10.31
C PRO B 187 -3.99 11.05 8.88
N HIS B 188 -3.21 10.57 7.94
CA HIS B 188 -3.41 11.01 6.58
C HIS B 188 -4.40 10.19 5.79
N TYR B 189 -4.90 9.11 6.39
CA TYR B 189 -5.90 8.23 5.77
C TYR B 189 -7.31 8.45 6.35
N LYS B 190 -7.37 8.97 7.57
CA LYS B 190 -8.63 9.21 8.29
C LYS B 190 -9.67 10.01 7.49
N GLU B 191 -9.24 11.09 6.85
CA GLU B 191 -10.16 11.93 6.12
C GLU B 191 -10.77 11.22 4.90
N ALA B 192 -9.99 10.35 4.26
CA ALA B 192 -10.51 9.56 3.15
C ALA B 192 -11.59 8.55 3.64
N LEU B 193 -11.33 7.92 4.77
CA LEU B 193 -12.34 7.05 5.41
C LEU B 193 -13.65 7.82 5.74
N LYS B 194 -13.49 9.00 6.32
CA LYS B 194 -14.62 9.85 6.66
C LYS B 194 -15.42 10.20 5.40
N SER B 195 -14.71 10.52 4.31
CA SER B 195 -15.37 10.99 3.10
C SER B 195 -16.02 9.86 2.33
N TYR B 196 -15.28 8.75 2.17
CA TYR B 196 -15.69 7.71 1.23
C TYR B 196 -16.46 6.56 1.86
N ALA B 197 -16.42 6.45 3.19
CA ALA B 197 -17.13 5.37 3.88
C ALA B 197 -17.61 5.84 5.24
N PRO B 198 -18.43 6.91 5.27
CA PRO B 198 -18.79 7.54 6.54
C PRO B 198 -19.35 6.58 7.63
N ALA B 199 -20.20 5.64 7.25
CA ALA B 199 -20.79 4.72 8.24
C ALA B 199 -19.71 3.94 8.97
N LEU B 200 -18.67 3.51 8.25
CA LEU B 200 -17.58 2.76 8.88
C LEU B 200 -16.58 3.65 9.62
N PHE B 201 -16.43 4.91 9.19
CA PHE B 201 -15.70 5.88 10.00
C PHE B 201 -16.39 6.07 11.37
N ASN B 202 -17.71 6.26 11.34
CA ASN B 202 -18.50 6.44 12.56
C ASN B 202 -18.44 5.22 13.48
N TYR B 203 -18.49 4.04 12.87
CA TYR B 203 -18.35 2.78 13.62
C TYR B 203 -16.99 2.77 14.32
N MET B 204 -15.91 3.09 13.62
CA MET B 204 -14.57 3.09 14.26
C MET B 204 -14.45 4.24 15.28
N LEU B 205 -15.08 5.37 14.98
CA LEU B 205 -15.09 6.53 15.90
C LEU B 205 -15.67 6.20 17.27
N GLU B 206 -16.81 5.52 17.28
CA GLU B 206 -17.41 5.07 18.54
C GLU B 206 -16.54 4.05 19.32
N LEU B 207 -15.87 3.16 18.60
CA LEU B 207 -14.94 2.25 19.25
C LEU B 207 -13.75 3.01 19.84
N ASP B 208 -13.18 3.93 19.07
CA ASP B 208 -11.99 4.67 19.54
C ASP B 208 -12.32 5.55 20.74
N GLN B 209 -13.50 6.17 20.74
CA GLN B 209 -13.82 7.17 21.77
C GLN B 209 -14.30 6.52 23.05
N MET B 210 -15.11 5.46 22.95
CA MET B 210 -15.60 4.79 24.16
C MET B 210 -15.65 3.25 24.15
N ARG B 211 -16.02 2.62 23.04
CA ARG B 211 -16.41 1.22 23.11
C ARG B 211 -15.25 0.23 23.28
N PHE B 212 -14.06 0.56 22.75
CA PHE B 212 -12.85 -0.22 23.08
C PHE B 212 -12.62 -0.23 24.63
N LYS B 213 -12.78 0.92 25.28
CA LYS B 213 -12.57 1.01 26.74
C LYS B 213 -13.68 0.26 27.50
N GLU B 214 -14.90 0.38 27.00
CA GLU B 214 -16.07 -0.32 27.54
C GLU B 214 -15.84 -1.84 27.45
N ILE B 215 -15.36 -2.33 26.32
CA ILE B 215 -15.06 -3.77 26.17
C ILE B 215 -13.92 -4.15 27.09
N SER B 216 -12.85 -3.35 27.09
CA SER B 216 -11.68 -3.62 27.95
C SER B 216 -11.99 -3.63 29.43
N ASP B 217 -12.82 -2.69 29.88
CA ASP B 217 -13.12 -2.57 31.30
C ASP B 217 -13.99 -3.72 31.74
N ASP B 218 -14.88 -4.18 30.87
CA ASP B 218 -15.75 -5.30 31.15
C ASP B 218 -14.92 -6.60 31.29
N VAL B 219 -13.87 -6.75 30.47
CA VAL B 219 -12.94 -7.87 30.59
C VAL B 219 -12.20 -7.86 31.93
N LYS B 220 -11.68 -6.70 32.32
CA LYS B 220 -11.00 -6.55 33.62
C LYS B 220 -11.94 -6.85 34.81
N GLU B 221 -13.19 -6.45 34.68
CA GLU B 221 -14.19 -6.70 35.70
C GLU B 221 -14.50 -8.20 35.82
N LYS B 222 -14.66 -8.88 34.68
CA LYS B 222 -14.89 -10.33 34.68
C LYS B 222 -13.70 -11.07 35.29
N ASN B 223 -12.49 -10.64 34.95
CA ASN B 223 -11.28 -11.21 35.54
C ASN B 223 -11.21 -11.10 37.06
N LYS B 224 -11.93 -10.15 37.65
CA LYS B 224 -11.99 -10.00 39.11
C LYS B 224 -12.93 -11.02 39.75
N ASN B 225 -13.97 -11.41 39.03
CA ASN B 225 -14.96 -12.35 39.54
C ASN B 225 -14.46 -13.77 39.35
N VAL B 226 -13.78 -14.01 38.23
CA VAL B 226 -13.25 -15.31 37.87
C VAL B 226 -12.12 -15.14 36.84
N LEU B 227 -11.05 -15.88 37.05
CA LEU B 227 -9.90 -15.83 36.18
C LEU B 227 -10.02 -16.98 35.16
N ASP B 228 -10.06 -16.64 33.87
CA ASP B 228 -10.24 -17.61 32.80
C ASP B 228 -9.33 -17.31 31.61
N PHE B 229 -8.41 -18.25 31.35
CA PHE B 229 -7.39 -18.03 30.36
C PHE B 229 -7.78 -18.48 28.98
N LYS B 230 -8.94 -19.12 28.87
CA LYS B 230 -9.46 -19.55 27.59
C LYS B 230 -8.40 -20.45 26.93
N TRP B 231 -8.04 -20.17 25.67
CA TRP B 231 -7.06 -20.94 24.93
C TRP B 231 -5.69 -20.28 24.92
N TYR B 232 -5.54 -19.19 25.67
CA TYR B 232 -4.34 -18.36 25.61
C TYR B 232 -3.28 -18.81 26.57
N THR B 233 -2.20 -19.40 26.04
CA THR B 233 -1.20 -20.09 26.87
C THR B 233 -0.16 -19.21 27.50
N ARG B 234 0.03 -18.02 26.98
CA ARG B 234 1.12 -17.21 27.49
C ARG B 234 0.72 -16.49 28.75
N LYS B 235 -0.55 -16.12 28.79
CA LYS B 235 -1.12 -15.40 29.92
C LYS B 235 -1.30 -16.37 31.10
N ALA B 236 -1.76 -17.57 30.75
CA ALA B 236 -1.90 -18.69 31.70
C ALA B 236 -0.57 -19.08 32.36
N GLU B 237 0.45 -19.29 31.54
CA GLU B 237 1.76 -19.66 32.00
C GLU B 237 2.35 -18.65 32.95
N SER B 238 2.37 -17.39 32.56
CA SER B 238 2.93 -16.32 33.40
C SER B 238 2.28 -16.30 34.79
N TRP B 239 0.96 -16.45 34.84
CA TRP B 239 0.26 -16.49 36.13
C TRP B 239 0.49 -17.77 36.91
N GLY B 240 0.63 -18.90 36.24
CA GLY B 240 0.91 -20.16 36.96
C GLY B 240 2.26 -20.09 37.66
N VAL B 241 3.26 -19.66 36.93
CA VAL B 241 4.63 -19.70 37.42
C VAL B 241 4.82 -18.70 38.57
N GLN B 242 4.34 -17.48 38.39
CA GLN B 242 4.50 -16.47 39.43
C GLN B 242 3.68 -16.80 40.70
N THR B 243 2.40 -17.19 40.52
CA THR B 243 1.52 -17.46 41.66
C THR B 243 2.01 -18.64 42.56
N PHE B 244 2.58 -19.66 41.94
CA PHE B 244 3.01 -20.84 42.68
C PHE B 244 4.53 -20.99 42.84
N LYS B 245 5.28 -19.93 42.53
CA LYS B 245 6.76 -19.98 42.63
C LYS B 245 7.21 -20.35 44.05
N ASN B 246 6.67 -19.65 45.05
CA ASN B 246 7.01 -19.88 46.45
C ASN B 246 6.68 -21.28 46.93
N TRP B 247 5.47 -21.74 46.65
CA TRP B 247 5.07 -23.09 46.96
C TRP B 247 6.04 -24.07 46.37
N LYS B 248 6.34 -23.92 45.08
CA LYS B 248 7.26 -24.84 44.38
C LYS B 248 8.68 -24.80 44.96
N GLU B 249 9.13 -23.63 45.37
CA GLU B 249 10.49 -23.52 45.95
C GLU B 249 10.59 -24.21 47.31
N ASN B 250 9.44 -24.53 47.92
CA ASN B 250 9.41 -25.18 49.24
C ASN B 250 9.01 -26.65 49.23
N LEU B 251 8.80 -27.21 48.04
CA LEU B 251 8.54 -28.63 47.91
C LEU B 251 9.81 -29.39 48.35
N THR B 252 9.64 -30.53 49.00
CA THR B 252 10.80 -31.40 49.25
C THR B 252 11.12 -32.17 47.98
N ILE B 253 12.26 -32.84 47.98
CA ILE B 253 12.65 -33.70 46.84
C ILE B 253 11.57 -34.76 46.58
N SER B 254 11.03 -35.37 47.64
CA SER B 254 10.04 -36.43 47.50
C SER B 254 8.76 -35.92 46.92
N GLU B 255 8.32 -34.76 47.40
CA GLU B 255 7.13 -34.14 46.89
C GLU B 255 7.29 -33.82 45.41
N LYS B 256 8.41 -33.21 45.05
CA LYS B 256 8.64 -32.85 43.65
C LYS B 256 8.74 -34.11 42.74
N ASP B 257 9.40 -35.16 43.25
CA ASP B 257 9.55 -36.41 42.50
C ASP B 257 8.21 -37.07 42.20
N ILE B 258 7.30 -37.09 43.17
CA ILE B 258 6.01 -37.74 42.95
C ILE B 258 5.04 -36.88 42.15
N ILE B 259 5.15 -35.57 42.28
CA ILE B 259 4.39 -34.69 41.36
C ILE B 259 4.82 -35.00 39.93
N THR B 260 6.11 -35.02 39.69
CA THR B 260 6.60 -35.39 38.35
C THR B 260 6.11 -36.80 37.94
N GLY B 261 6.27 -37.77 38.85
CA GLY B 261 5.85 -39.14 38.58
C GLY B 261 4.37 -39.33 38.29
N TYR B 262 3.53 -38.52 38.92
CA TYR B 262 2.10 -38.55 38.69
C TYR B 262 1.71 -38.13 37.25
N THR B 263 2.54 -37.31 36.63
CA THR B 263 2.34 -36.93 35.22
C THR B 263 2.90 -38.00 34.25
N GLY B 264 3.45 -39.09 34.81
CA GLY B 264 4.00 -40.21 34.05
C GLY B 264 3.45 -41.52 34.56
N SER B 265 4.28 -42.53 34.74
CA SER B 265 3.81 -43.90 34.95
C SER B 265 3.24 -44.19 36.36
N LYS B 266 3.34 -43.23 37.29
CA LYS B 266 2.84 -43.46 38.65
C LYS B 266 1.36 -43.12 38.79
N TYR B 267 0.78 -42.55 37.72
CA TYR B 267 -0.63 -42.16 37.70
C TYR B 267 -1.62 -43.32 37.88
N ASP B 268 -1.63 -44.30 36.97
CA ASP B 268 -2.66 -45.34 36.96
C ASP B 268 -2.83 -46.05 38.33
N PRO B 269 -1.72 -46.48 38.97
CA PRO B 269 -1.83 -47.21 40.23
C PRO B 269 -2.35 -46.34 41.39
N ILE B 270 -2.00 -45.05 41.37
CA ILE B 270 -2.51 -44.14 42.39
C ILE B 270 -3.99 -43.92 42.20
N ASN B 271 -4.39 -43.75 40.95
CA ASN B 271 -5.81 -43.52 40.63
C ASN B 271 -6.68 -44.71 40.92
N GLU B 272 -6.22 -45.88 40.50
CA GLU B 272 -6.92 -47.13 40.78
C GLU B 272 -7.04 -47.37 42.31
N TYR B 273 -5.97 -47.13 43.04
CA TYR B 273 -6.00 -47.24 44.49
C TYR B 273 -7.08 -46.34 45.12
N LEU B 274 -7.14 -45.09 44.71
CA LEU B 274 -8.04 -44.12 45.30
C LEU B 274 -9.50 -44.39 44.88
N ARG B 275 -9.74 -44.76 43.63
CA ARG B 275 -11.11 -45.13 43.20
C ARG B 275 -11.61 -46.40 43.91
N LYS B 276 -10.71 -47.35 44.12
CA LYS B 276 -11.11 -48.67 44.60
C LYS B 276 -11.55 -48.61 46.06
N TYR B 277 -10.81 -47.89 46.89
CA TYR B 277 -11.10 -47.82 48.33
C TYR B 277 -11.67 -46.46 48.76
N ASP B 278 -12.15 -45.67 47.79
CA ASP B 278 -12.83 -44.39 48.04
C ASP B 278 -12.03 -43.40 48.92
N GLY B 279 -10.76 -43.24 48.61
CA GLY B 279 -9.91 -42.32 49.35
C GLY B 279 -9.34 -42.81 50.67
N GLU B 280 -9.75 -44.02 51.10
CA GLU B 280 -9.24 -44.63 52.35
C GLU B 280 -8.07 -45.55 52.07
N ILE B 281 -7.20 -45.73 53.06
CA ILE B 281 -6.22 -46.82 53.07
C ILE B 281 -6.94 -48.19 52.98
N ILE B 282 -6.42 -49.09 52.12
CA ILE B 282 -6.97 -50.46 51.96
C ILE B 282 -7.19 -51.15 53.33
N PRO B 283 -8.44 -51.55 53.63
CA PRO B 283 -8.72 -52.18 54.96
C PRO B 283 -7.96 -53.47 55.19
N ASN B 284 -7.42 -53.65 56.39
CA ASN B 284 -6.91 -54.96 56.84
C ASN B 284 -8.08 -55.84 57.31
N ILE B 285 -8.45 -56.81 56.49
CA ILE B 285 -9.58 -57.69 56.81
C ILE B 285 -9.14 -59.13 57.06
N GLY B 286 -7.84 -59.34 57.25
CA GLY B 286 -7.33 -60.65 57.65
C GLY B 286 -6.62 -61.40 56.54
N GLY B 287 -6.65 -60.90 55.32
CA GLY B 287 -5.92 -61.62 54.28
C GLY B 287 -4.44 -61.35 54.51
N ASP B 288 -3.56 -62.13 53.90
CA ASP B 288 -2.20 -61.66 53.74
C ASP B 288 -1.82 -61.50 52.27
N LEU B 289 -0.91 -60.57 52.01
CA LEU B 289 -0.43 -60.33 50.63
C LEU B 289 0.99 -60.85 50.47
N ASP B 290 1.34 -61.29 49.26
CA ASP B 290 2.73 -61.67 48.96
C ASP B 290 3.67 -60.48 49.17
N LYS B 291 4.96 -60.77 49.26
CA LYS B 291 5.98 -59.76 49.56
C LYS B 291 5.91 -58.60 48.57
N LYS B 292 5.88 -58.93 47.28
CA LYS B 292 5.95 -57.93 46.21
C LYS B 292 4.70 -57.04 46.13
N SER B 293 3.52 -57.63 46.34
CA SER B 293 2.27 -56.85 46.26
C SER B 293 2.17 -55.92 47.44
N LYS B 294 2.69 -56.36 48.59
CA LYS B 294 2.72 -55.53 49.77
C LYS B 294 3.68 -54.33 49.64
N LYS B 295 4.89 -54.58 49.16
CA LYS B 295 5.88 -53.53 48.95
C LYS B 295 5.35 -52.49 47.96
N ALA B 296 4.67 -52.96 46.92
CA ALA B 296 4.12 -52.09 45.89
C ALA B 296 2.94 -51.25 46.42
N LEU B 297 2.09 -51.88 47.24
CA LEU B 297 0.99 -51.18 47.91
C LEU B 297 1.50 -50.09 48.85
N GLU B 298 2.52 -50.41 49.64
CA GLU B 298 3.15 -49.43 50.56
C GLU B 298 3.79 -48.23 49.82
N LYS B 299 4.39 -48.48 48.65
CA LYS B 299 5.02 -47.42 47.86
C LYS B 299 3.97 -46.44 47.38
N ILE B 300 2.88 -46.99 46.86
CA ILE B 300 1.75 -46.20 46.44
C ILE B 300 1.21 -45.34 47.57
N GLU B 301 1.01 -45.93 48.75
CA GLU B 301 0.58 -45.18 49.93
C GLU B 301 1.51 -44.03 50.27
N ASN B 302 2.82 -44.24 50.15
CA ASN B 302 3.76 -43.18 50.43
C ASN B 302 3.69 -42.04 49.36
N GLN B 303 3.39 -42.42 48.10
CA GLN B 303 3.16 -41.46 47.04
C GLN B 303 1.97 -40.55 47.34
N ILE B 304 0.87 -41.17 47.72
CA ILE B 304 -0.33 -40.44 48.09
C ILE B 304 -0.07 -39.53 49.30
N LYS B 305 0.65 -40.03 50.31
CA LYS B 305 1.03 -39.23 51.47
C LYS B 305 1.74 -37.97 50.99
N ASN B 306 2.64 -38.15 50.06
CA ASN B 306 3.44 -37.06 49.54
C ASN B 306 2.71 -36.05 48.66
N LEU B 307 1.85 -36.53 47.78
CA LEU B 307 1.03 -35.64 46.97
C LEU B 307 0.13 -34.81 47.88
N ASP B 308 -0.52 -35.50 48.82
CA ASP B 308 -1.38 -34.88 49.86
C ASP B 308 -0.62 -33.80 50.57
N ALA B 309 0.54 -34.13 51.13
CA ALA B 309 1.27 -33.15 51.85
C ALA B 309 1.58 -31.97 50.92
N ALA B 310 1.98 -32.24 49.68
CA ALA B 310 2.34 -31.17 48.77
C ALA B 310 1.21 -30.18 48.53
N LEU B 311 0.03 -30.72 48.19
CA LEU B 311 -1.10 -29.93 47.81
C LEU B 311 -1.76 -29.25 48.98
N GLN B 312 -1.58 -29.82 50.18
CA GLN B 312 -2.04 -29.17 51.40
C GLN B 312 -1.34 -27.85 51.62
N LYS B 313 -0.09 -27.71 51.18
CA LYS B 313 0.64 -26.45 51.30
C LYS B 313 0.22 -25.37 50.29
N SER B 314 -0.67 -25.71 49.34
CA SER B 314 -1.02 -24.77 48.27
C SER B 314 -2.52 -24.50 48.21
N LYS B 315 -2.88 -23.23 48.40
CA LYS B 315 -4.30 -22.79 48.31
C LYS B 315 -4.45 -21.86 47.15
N ILE B 316 -5.45 -22.12 46.32
CA ILE B 316 -5.73 -21.25 45.19
C ILE B 316 -6.25 -19.90 45.74
N THR B 317 -5.64 -18.82 45.25
CA THR B 317 -5.92 -17.48 45.78
C THR B 317 -7.09 -16.73 45.10
N GLU B 318 -7.69 -17.28 44.04
CA GLU B 318 -8.76 -16.59 43.27
C GLU B 318 -9.69 -17.59 42.69
N ASN B 319 -10.93 -17.20 42.44
CA ASN B 319 -11.81 -18.04 41.65
C ASN B 319 -11.15 -18.21 40.27
N LEU B 320 -11.11 -19.45 39.79
CA LEU B 320 -10.31 -19.81 38.64
C LEU B 320 -11.07 -20.81 37.81
N ILE B 321 -10.99 -20.69 36.50
CA ILE B 321 -11.58 -21.67 35.61
C ILE B 321 -10.44 -22.58 35.21
N VAL B 322 -10.66 -23.88 35.26
CA VAL B 322 -9.75 -24.82 34.70
C VAL B 322 -10.53 -25.78 33.80
N TYR B 323 -9.80 -26.54 33.00
CA TYR B 323 -10.37 -27.26 31.89
C TYR B 323 -9.91 -28.71 31.86
N ARG B 324 -10.79 -29.60 31.41
CA ARG B 324 -10.48 -31.01 31.32
C ARG B 324 -11.26 -31.70 30.22
N ARG B 325 -10.52 -32.34 29.32
CA ARG B 325 -11.09 -33.11 28.22
C ARG B 325 -11.36 -34.54 28.66
N VAL B 326 -12.55 -35.05 28.34
CA VAL B 326 -12.97 -36.38 28.78
C VAL B 326 -13.87 -37.06 27.75
N SER B 327 -13.94 -38.39 27.84
CA SER B 327 -14.86 -39.18 27.05
C SER B 327 -16.18 -39.38 27.81
N GLU B 328 -17.15 -40.05 27.17
CA GLU B 328 -18.44 -40.30 27.80
C GLU B 328 -18.30 -41.06 29.14
N LEU B 329 -17.18 -41.78 29.30
CA LEU B 329 -16.88 -42.53 30.54
C LEU B 329 -16.78 -41.62 31.76
N GLN B 330 -16.76 -40.30 31.54
CA GLN B 330 -17.01 -39.34 32.60
C GLN B 330 -18.28 -39.68 33.39
N PHE B 331 -19.33 -40.10 32.70
CA PHE B 331 -20.61 -40.33 33.34
C PHE B 331 -20.87 -41.80 33.74
N GLY B 332 -19.80 -42.58 33.92
CA GLY B 332 -19.94 -43.97 34.41
C GLY B 332 -19.75 -45.03 33.35
N LYS B 333 -19.54 -46.26 33.80
CA LYS B 333 -19.23 -47.40 32.94
C LYS B 333 -20.19 -47.59 31.78
N LYS B 334 -21.49 -47.44 32.05
CA LYS B 334 -22.53 -47.75 31.04
C LYS B 334 -22.49 -46.80 29.84
N TYR B 335 -21.82 -45.66 29.99
CA TYR B 335 -21.83 -44.67 28.92
C TYR B 335 -20.65 -44.80 27.93
N GLU B 336 -19.89 -45.90 28.02
CA GLU B 336 -18.61 -45.97 27.27
C GLU B 336 -18.81 -46.11 25.74
N ASP B 337 -19.77 -46.94 25.33
CA ASP B 337 -20.12 -47.08 23.91
C ASP B 337 -21.39 -46.28 23.56
N TYR B 338 -21.46 -45.06 24.10
CA TYR B 338 -22.65 -44.20 24.01
C TYR B 338 -22.68 -43.38 22.73
N ASN B 339 -21.52 -43.21 22.10
CA ASN B 339 -21.38 -42.48 20.85
C ASN B 339 -22.08 -41.10 20.87
N LEU B 340 -21.70 -40.27 21.85
CA LEU B 340 -22.18 -38.87 21.94
C LEU B 340 -21.93 -38.09 20.65
N ARG B 341 -20.81 -38.41 19.98
CA ARG B 341 -20.40 -37.73 18.75
C ARG B 341 -20.25 -38.72 17.58
N GLN B 342 -20.83 -38.39 16.43
CA GLN B 342 -20.69 -39.19 15.22
C GLN B 342 -20.40 -38.26 14.04
N ASN B 343 -19.24 -38.48 13.39
CA ASN B 343 -18.81 -37.62 12.27
C ASN B 343 -18.70 -36.14 12.68
N GLY B 344 -18.23 -35.91 13.89
CA GLY B 344 -18.02 -34.54 14.41
C GLY B 344 -19.28 -33.75 14.78
N ILE B 345 -20.48 -34.28 14.49
CA ILE B 345 -21.73 -33.63 14.92
C ILE B 345 -22.08 -34.13 16.32
N ILE B 346 -22.30 -33.22 17.26
CA ILE B 346 -22.75 -33.61 18.62
C ILE B 346 -24.25 -33.92 18.57
N ASN B 347 -24.62 -35.07 19.11
CA ASN B 347 -26.00 -35.55 19.14
C ASN B 347 -26.86 -34.76 20.13
N GLU B 348 -27.80 -33.98 19.62
CA GLU B 348 -28.60 -33.05 20.44
C GLU B 348 -29.56 -33.75 21.39
N GLU B 349 -30.08 -34.89 20.96
CA GLU B 349 -31.04 -35.68 21.76
C GLU B 349 -30.33 -36.38 22.91
N LYS B 350 -29.13 -36.89 22.64
CA LYS B 350 -28.32 -37.55 23.67
C LYS B 350 -27.83 -36.58 24.74
N VAL B 351 -27.53 -35.34 24.35
CA VAL B 351 -27.12 -34.26 25.29
C VAL B 351 -28.27 -33.89 26.23
N MET B 352 -29.51 -34.02 25.73
CA MET B 352 -30.71 -33.70 26.52
C MET B 352 -30.95 -34.77 27.58
N GLU B 353 -30.59 -36.03 27.27
CA GLU B 353 -30.63 -37.12 28.25
C GLU B 353 -29.58 -36.91 29.35
N LEU B 354 -28.38 -36.48 28.95
CA LEU B 354 -27.34 -36.20 29.94
C LEU B 354 -27.80 -35.07 30.85
N GLU B 355 -28.32 -34.00 30.25
CA GLU B 355 -28.80 -32.83 30.99
C GLU B 355 -29.87 -33.24 31.99
N SER B 356 -30.78 -34.10 31.55
CA SER B 356 -31.90 -34.53 32.39
C SER B 356 -31.40 -35.36 33.57
N ASN B 357 -30.57 -36.36 33.30
CA ASN B 357 -30.05 -37.24 34.35
C ASN B 357 -29.01 -36.59 35.27
N PHE B 358 -28.16 -35.71 34.73
CA PHE B 358 -26.96 -35.29 35.45
C PHE B 358 -26.92 -33.84 35.95
N LYS B 359 -27.72 -32.94 35.38
CA LYS B 359 -27.68 -31.52 35.78
C LYS B 359 -28.16 -31.36 37.24
N GLY B 360 -27.39 -30.61 38.02
CA GLY B 360 -27.66 -30.49 39.43
C GLY B 360 -27.32 -31.72 40.27
N GLN B 361 -26.76 -32.77 39.66
CA GLN B 361 -26.33 -33.95 40.40
C GLN B 361 -24.84 -33.73 40.73
N THR B 362 -24.31 -34.54 41.63
CA THR B 362 -22.88 -34.47 42.05
C THR B 362 -22.15 -35.82 41.95
N PHE B 363 -20.82 -35.77 42.05
CA PHE B 363 -20.01 -36.95 42.16
C PHE B 363 -18.82 -36.57 43.02
N ILE B 364 -18.29 -37.54 43.78
CA ILE B 364 -17.04 -37.35 44.52
C ILE B 364 -15.89 -37.80 43.60
N GLN B 365 -14.81 -37.03 43.63
CA GLN B 365 -13.63 -37.27 42.88
C GLN B 365 -12.60 -37.76 43.87
N HIS B 366 -12.52 -39.09 43.99
CA HIS B 366 -11.63 -39.73 44.93
C HIS B 366 -10.17 -39.57 44.56
N ASN B 367 -9.87 -39.55 43.28
CA ASN B 367 -8.52 -39.30 42.80
C ASN B 367 -8.25 -37.81 42.85
N TYR B 368 -6.98 -37.42 42.75
CA TYR B 368 -6.65 -36.06 42.47
C TYR B 368 -7.31 -35.70 41.14
N MET B 369 -7.50 -34.41 40.87
CA MET B 369 -8.12 -33.98 39.62
C MET B 369 -7.14 -33.10 38.84
N SER B 370 -6.59 -33.65 37.78
CA SER B 370 -5.68 -32.97 36.93
C SER B 370 -6.46 -32.24 35.89
N THR B 371 -6.12 -30.98 35.71
CA THR B 371 -6.83 -30.12 34.83
C THR B 371 -5.81 -29.30 34.07
N SER B 372 -6.29 -28.46 33.16
CA SER B 372 -5.44 -27.52 32.44
C SER B 372 -5.92 -26.08 32.65
N LEU B 373 -4.99 -25.15 32.83
CA LEU B 373 -5.32 -23.72 32.75
C LEU B 373 -5.93 -23.25 31.39
N VAL B 374 -5.63 -23.96 30.30
CA VAL B 374 -6.15 -23.60 28.99
C VAL B 374 -7.00 -24.70 28.36
N GLN B 375 -7.93 -24.27 27.51
CA GLN B 375 -8.72 -25.16 26.62
C GLN B 375 -8.11 -25.18 25.19
N ASP B 376 -8.55 -26.13 24.37
CA ASP B 376 -8.02 -26.22 23.02
C ASP B 376 -8.94 -25.72 21.92
N PRO B 377 -8.36 -25.37 20.76
CA PRO B 377 -9.22 -25.09 19.59
C PRO B 377 -9.94 -26.33 19.04
N HIS B 378 -10.94 -26.11 18.20
CA HIS B 378 -11.64 -27.22 17.52
C HIS B 378 -10.71 -28.12 16.73
N GLN B 379 -9.92 -27.53 15.84
CA GLN B 379 -8.83 -28.26 15.17
C GLN B 379 -7.71 -28.56 16.19
N SER B 380 -7.75 -29.74 16.83
CA SER B 380 -6.77 -30.11 17.86
C SER B 380 -6.76 -31.61 18.13
N TYR B 381 -5.62 -32.10 18.61
CA TYR B 381 -5.50 -33.51 19.03
C TYR B 381 -6.60 -33.82 20.05
N SER B 382 -6.75 -32.96 21.05
CA SER B 382 -7.63 -33.29 22.17
C SER B 382 -9.12 -33.27 21.81
N ASN B 383 -9.52 -32.33 20.95
CA ASN B 383 -10.93 -32.27 20.53
C ASN B 383 -11.35 -33.43 19.63
N ASP B 384 -10.52 -33.88 18.71
CA ASP B 384 -10.98 -35.01 17.90
C ASP B 384 -10.80 -36.38 18.58
N ARG B 385 -10.11 -36.43 19.73
CA ARG B 385 -10.09 -37.64 20.58
C ARG B 385 -11.20 -37.63 21.67
N TYR B 386 -11.51 -36.44 22.22
CA TYR B 386 -12.44 -36.31 23.38
C TYR B 386 -13.61 -35.37 23.09
N PRO B 387 -14.86 -35.88 23.12
CA PRO B 387 -16.00 -35.07 22.70
C PRO B 387 -16.59 -34.18 23.80
N ILE B 388 -15.99 -34.20 24.98
CA ILE B 388 -16.49 -33.42 26.12
C ILE B 388 -15.39 -32.55 26.69
N LEU B 389 -15.68 -31.27 26.87
CA LEU B 389 -14.80 -30.37 27.67
C LEU B 389 -15.50 -30.06 28.99
N LEU B 390 -14.82 -30.32 30.09
CA LEU B 390 -15.29 -29.87 31.39
C LEU B 390 -14.70 -28.51 31.62
N GLU B 391 -15.56 -27.52 31.86
CA GLU B 391 -15.14 -26.16 32.26
C GLU B 391 -15.46 -26.07 33.75
N ILE B 392 -14.41 -25.97 34.57
CA ILE B 392 -14.55 -26.16 36.01
C ILE B 392 -14.22 -24.91 36.80
N THR B 393 -15.20 -24.46 37.55
CA THR B 393 -14.99 -23.29 38.41
C THR B 393 -14.47 -23.77 39.75
N ILE B 394 -13.27 -23.30 40.12
CA ILE B 394 -12.61 -23.59 41.37
C ILE B 394 -12.67 -22.33 42.22
N PRO B 395 -13.42 -22.35 43.36
CA PRO B 395 -13.51 -21.14 44.13
C PRO B 395 -12.21 -20.94 44.92
N GLU B 396 -11.94 -19.71 45.29
CA GLU B 396 -10.81 -19.41 46.17
C GLU B 396 -10.79 -20.31 47.44
N GLY B 397 -9.60 -20.68 47.87
CA GLY B 397 -9.45 -21.51 49.08
C GLY B 397 -9.28 -22.98 48.79
N VAL B 398 -9.65 -23.44 47.59
CA VAL B 398 -9.41 -24.85 47.20
C VAL B 398 -7.93 -25.15 47.15
N HIS B 399 -7.54 -26.36 47.52
CA HIS B 399 -6.16 -26.77 47.45
C HIS B 399 -5.84 -27.33 46.11
N GLY B 400 -4.87 -26.75 45.47
CA GLY B 400 -4.46 -27.13 44.12
C GLY B 400 -3.27 -26.29 43.71
N ALA B 401 -2.55 -26.72 42.70
CA ALA B 401 -1.39 -26.01 42.32
C ALA B 401 -1.03 -26.22 40.87
N TYR B 402 -0.34 -25.24 40.32
CA TYR B 402 0.20 -25.30 38.95
C TYR B 402 1.47 -26.15 38.94
N ILE B 403 1.40 -27.28 38.25
CA ILE B 403 2.54 -28.22 38.23
C ILE B 403 3.24 -28.38 36.87
N ALA B 404 2.89 -27.56 35.90
CA ALA B 404 3.39 -27.70 34.52
C ALA B 404 4.90 -27.80 34.40
N ASP B 405 5.65 -26.96 35.12
CA ASP B 405 7.14 -26.96 35.10
C ASP B 405 7.77 -28.23 35.66
N MET B 406 6.97 -29.07 36.32
CA MET B 406 7.46 -30.39 36.80
C MET B 406 6.91 -31.57 35.99
N SER B 407 6.03 -31.31 35.03
CA SER B 407 5.41 -32.35 34.20
C SER B 407 6.40 -33.01 33.26
N GLU B 408 6.25 -34.33 33.08
CA GLU B 408 7.03 -35.08 32.09
C GLU B 408 6.54 -34.79 30.67
N TYR B 409 5.38 -34.11 30.57
CA TYR B 409 4.78 -33.73 29.28
C TYR B 409 4.60 -32.21 29.25
N PRO B 410 5.66 -31.49 28.86
CA PRO B 410 5.64 -30.05 28.76
C PRO B 410 4.60 -29.55 27.78
N GLY B 411 4.19 -28.29 27.96
CA GLY B 411 3.26 -27.63 27.07
C GLY B 411 1.81 -27.89 27.42
N GLN B 412 1.54 -28.33 28.64
CA GLN B 412 0.16 -28.72 29.01
C GLN B 412 -0.51 -27.89 30.14
N TYR B 413 0.25 -27.01 30.78
CA TYR B 413 -0.31 -25.98 31.71
C TYR B 413 -1.16 -26.55 32.86
N GLU B 414 -0.71 -27.67 33.39
CA GLU B 414 -1.49 -28.45 34.36
C GLU B 414 -1.76 -27.75 35.67
N MET B 415 -3.03 -27.78 36.07
CA MET B 415 -3.42 -27.43 37.45
C MET B 415 -3.84 -28.70 38.18
N LEU B 416 -3.10 -29.09 39.21
CA LEU B 416 -3.46 -30.28 39.97
C LEU B 416 -4.27 -29.89 41.20
N ILE B 417 -5.50 -30.34 41.24
CA ILE B 417 -6.38 -30.13 42.34
C ILE B 417 -6.29 -31.33 43.26
N ASN B 418 -6.46 -31.07 44.54
CA ASN B 418 -6.38 -32.11 45.53
C ASN B 418 -7.47 -33.13 45.39
N ARG B 419 -7.23 -34.30 45.93
CA ARG B 419 -8.24 -35.36 45.90
C ARG B 419 -9.38 -35.12 46.90
N GLY B 420 -10.53 -35.75 46.63
CA GLY B 420 -11.59 -35.83 47.62
C GLY B 420 -12.60 -34.72 47.66
N TYR B 421 -12.49 -33.69 46.75
CA TYR B 421 -13.55 -32.74 46.54
C TYR B 421 -14.76 -33.39 45.85
N THR B 422 -15.95 -32.78 46.02
CA THR B 422 -17.20 -33.12 45.30
C THR B 422 -17.45 -32.01 44.24
N PHE B 423 -17.93 -32.42 43.06
CA PHE B 423 -18.13 -31.54 41.94
C PHE B 423 -19.61 -31.68 41.50
N LYS B 424 -20.18 -30.59 41.01
CA LYS B 424 -21.58 -30.59 40.58
C LYS B 424 -21.64 -30.22 39.13
N TYR B 425 -22.59 -30.82 38.41
CA TYR B 425 -22.82 -30.48 37.01
C TYR B 425 -23.86 -29.36 36.92
N ASP B 426 -23.47 -28.25 36.31
CA ASP B 426 -24.27 -27.02 36.35
C ASP B 426 -24.94 -26.72 35.02
N LYS B 427 -24.23 -26.94 33.91
CA LYS B 427 -24.72 -26.53 32.57
C LYS B 427 -24.12 -27.39 31.43
N PHE B 428 -24.94 -27.63 30.42
CA PHE B 428 -24.57 -28.43 29.25
C PHE B 428 -24.77 -27.61 28.01
N SER B 429 -23.66 -27.26 27.33
CA SER B 429 -23.70 -26.43 26.11
C SER B 429 -23.02 -27.11 24.91
N ILE B 430 -23.64 -27.04 23.75
CA ILE B 430 -23.02 -27.55 22.52
C ILE B 430 -22.20 -26.43 21.88
N VAL B 431 -20.99 -26.76 21.43
CA VAL B 431 -20.10 -25.75 20.85
C VAL B 431 -19.74 -26.07 19.39
N LYS B 432 -20.05 -25.13 18.50
CA LYS B 432 -19.80 -25.24 17.07
C LYS B 432 -18.56 -24.42 16.67
N PRO B 433 -17.75 -24.94 15.72
CA PRO B 433 -16.64 -24.12 15.21
C PRO B 433 -17.15 -22.92 14.39
N THR B 434 -16.98 -21.70 14.91
CA THR B 434 -17.34 -20.47 14.19
C THR B 434 -16.09 -19.81 13.59
N GLY B 440 -13.37 -28.60 11.87
CA GLY B 440 -13.28 -28.91 13.29
C GLY B 440 -14.51 -29.65 13.81
N LYS B 441 -14.34 -30.68 14.63
CA LYS B 441 -15.47 -31.38 15.27
C LYS B 441 -16.15 -30.49 16.33
N GLU B 442 -17.49 -30.56 16.43
CA GLU B 442 -18.23 -29.93 17.56
C GLU B 442 -17.85 -30.63 18.87
N TYR B 443 -18.29 -30.06 19.99
CA TYR B 443 -18.18 -30.76 21.28
C TYR B 443 -19.20 -30.29 22.33
N LEU B 444 -19.36 -31.11 23.37
CA LEU B 444 -20.23 -30.79 24.47
C LEU B 444 -19.39 -30.13 25.56
N LYS B 445 -19.76 -28.93 25.97
CA LYS B 445 -19.13 -28.28 27.09
C LYS B 445 -20.01 -28.38 28.34
N VAL B 446 -19.43 -28.98 29.37
CA VAL B 446 -20.13 -29.24 30.62
C VAL B 446 -19.46 -28.41 31.71
N ASN B 447 -20.23 -27.51 32.32
CA ASN B 447 -19.70 -26.72 33.46
C ASN B 447 -19.88 -27.49 34.76
N LEU B 448 -18.83 -27.52 35.56
CA LEU B 448 -18.83 -28.07 36.88
C LEU B 448 -18.36 -27.02 37.87
N SER B 449 -18.80 -27.19 39.11
CA SER B 449 -18.31 -26.40 40.24
C SER B 449 -17.98 -27.33 41.39
N ILE B 450 -17.08 -26.89 42.26
CA ILE B 450 -16.87 -27.51 43.53
C ILE B 450 -18.14 -27.37 44.37
N TYR B 451 -18.49 -28.45 45.04
CA TYR B 451 -19.74 -28.52 45.78
C TYR B 451 -19.37 -28.69 47.22
N LEU B 452 -19.76 -27.73 48.03
CA LEU B 452 -19.33 -27.69 49.41
C LEU B 452 -20.26 -28.58 50.22
N GLY B 453 -20.07 -29.88 50.07
CA GLY B 453 -20.85 -30.84 50.83
C GLY B 453 -20.03 -31.56 51.87
N ASN B 454 -20.72 -32.33 52.70
CA ASN B 454 -20.11 -33.15 53.73
C ASN B 454 -19.48 -32.38 54.90
N HIS B 455 -19.66 -31.06 54.96
CA HIS B 455 -19.09 -30.26 56.04
C HIS B 455 -19.65 -30.67 57.36
N HIS B 456 -20.90 -31.17 57.38
CA HIS B 456 -21.47 -31.77 58.61
C HIS B 456 -20.61 -32.89 59.22
N HIS B 457 -19.97 -33.70 58.41
CA HIS B 457 -19.17 -34.87 58.87
C HIS B 457 -17.71 -34.49 59.06
N HIS B 458 -17.12 -33.90 58.02
CA HIS B 458 -15.72 -33.43 58.06
C HIS B 458 -15.66 -31.93 58.24
N HIS B 459 -15.26 -31.50 59.44
CA HIS B 459 -15.26 -30.07 59.81
C HIS B 459 -14.04 -29.35 59.31
#